data_4E47
#
_entry.id   4E47
#
_cell.length_a   117.343
_cell.length_b   133.799
_cell.length_c   136.865
_cell.angle_alpha   90.00
_cell.angle_beta   90.00
_cell.angle_gamma   90.00
#
_symmetry.space_group_name_H-M   'C 2 2 21'
#
loop_
_entity.id
_entity.type
_entity.pdbx_description
1 polymer 'Histone-lysine N-methyltransferase SETD7'
2 non-polymer S-ADENOSYLMETHIONINE
3 non-polymer (R)-(3-(3-cyanophenyl)-1-oxo-1-(pyrrolidin-1-yl)propan-2-yl)-1,2,3,4-tetrahydroisoquinoline-6-sulfonamide
4 non-polymer BETA-MERCAPTOETHANOL
5 non-polymer 'SULFATE ION'
6 water water
#
_entity_poly.entity_id   1
_entity_poly.type   'polypeptide(L)'
_entity_poly.pdbx_seq_one_letter_code
;QYKDNIRHGVCWIYYPDGGSLVGEVNEDGEMTGEKIAYVYPDERTALYGKFIDGEMIEGKLATLMSTEEGRPHFELMPGN
SVYHFDKSTSSCISTNALLPDPYESERVYVAESLISSAGEGLFSKVAVGPNTVMSFYNGVRITHQEVDSRDWALNGNTLS
LDEETVIDVPEPYNHVSKYCASLGHKANHSFTPNCIYDMFVHPRFGPIKCIRTLRAVEADEELTVAYGYDHSPPGKSGPE
APEWYQVELKAFQATQQKHHHHHH
;
_entity_poly.pdbx_strand_id   A,B,C,D
#
loop_
_chem_comp.id
_chem_comp.type
_chem_comp.name
_chem_comp.formula
0N6 non-polymer (R)-(3-(3-cyanophenyl)-1-oxo-1-(pyrrolidin-1-yl)propan-2-yl)-1,2,3,4-tetrahydroisoquinoline-6-sulfonamide 'C23 H26 N4 O3 S'
BME non-polymer BETA-MERCAPTOETHANOL 'C2 H6 O S'
SAM non-polymer S-ADENOSYLMETHIONINE 'C15 H22 N6 O5 S'
SO4 non-polymer 'SULFATE ION' 'O4 S -2'
#
# COMPACT_ATOMS: atom_id res chain seq x y z
N HIS A 8 0.97 0.28 -47.62
CA HIS A 8 0.90 -0.96 -46.87
C HIS A 8 -0.51 -1.22 -46.30
N GLY A 9 -0.79 -2.50 -46.01
CA GLY A 9 -2.07 -2.94 -45.46
C GLY A 9 -2.24 -2.61 -43.98
N VAL A 10 -3.49 -2.42 -43.53
CA VAL A 10 -3.82 -2.09 -42.15
C VAL A 10 -5.06 -2.90 -41.80
N CYS A 11 -5.06 -3.52 -40.61
N CYS A 11 -5.07 -3.50 -40.60
CA CYS A 11 -6.18 -4.29 -40.09
CA CYS A 11 -6.20 -4.26 -40.08
C CYS A 11 -6.82 -3.53 -38.91
C CYS A 11 -6.84 -3.50 -38.92
N TRP A 12 -8.17 -3.43 -38.89
CA TRP A 12 -8.94 -2.80 -37.82
C TRP A 12 -9.78 -3.91 -37.23
N ILE A 13 -9.54 -4.24 -35.97
CA ILE A 13 -10.28 -5.28 -35.28
C ILE A 13 -11.20 -4.58 -34.34
N TYR A 14 -12.50 -4.54 -34.64
CA TYR A 14 -13.41 -3.92 -33.69
C TYR A 14 -13.99 -4.95 -32.73
N TYR A 15 -13.98 -4.64 -31.43
CA TYR A 15 -14.62 -5.50 -30.45
C TYR A 15 -16.11 -5.16 -30.44
N PRO A 16 -16.99 -6.07 -29.93
CA PRO A 16 -18.44 -5.73 -29.87
C PRO A 16 -18.74 -4.44 -29.11
N ASP A 17 -17.84 -4.03 -28.18
CA ASP A 17 -18.05 -2.81 -27.36
C ASP A 17 -17.74 -1.49 -28.12
N GLY A 18 -17.23 -1.57 -29.35
CA GLY A 18 -16.92 -0.34 -30.08
C GLY A 18 -15.45 0.05 -30.11
N GLY A 19 -14.64 -0.48 -29.18
CA GLY A 19 -13.20 -0.21 -29.19
C GLY A 19 -12.56 -1.01 -30.31
N SER A 20 -11.30 -0.69 -30.68
CA SER A 20 -10.62 -1.42 -31.76
C SER A 20 -9.11 -1.49 -31.59
N LEU A 21 -8.53 -2.48 -32.24
CA LEU A 21 -7.09 -2.65 -32.35
C LEU A 21 -6.78 -2.35 -33.82
N VAL A 22 -5.82 -1.46 -34.08
CA VAL A 22 -5.53 -1.06 -35.46
C VAL A 22 -4.04 -1.05 -35.73
N GLY A 23 -3.66 -1.65 -36.85
CA GLY A 23 -2.27 -1.66 -37.29
C GLY A 23 -1.98 -2.56 -38.46
N GLU A 24 -0.76 -2.43 -38.97
CA GLU A 24 -0.27 -3.27 -40.04
C GLU A 24 0.10 -4.62 -39.42
N VAL A 25 -0.42 -5.73 -39.95
CA VAL A 25 -0.06 -7.00 -39.36
C VAL A 25 1.34 -7.46 -39.86
N ASN A 26 2.01 -8.35 -39.12
CA ASN A 26 3.32 -8.91 -39.50
C ASN A 26 3.15 -10.03 -40.54
N GLU A 27 4.24 -10.78 -40.89
CA GLU A 27 4.16 -11.87 -41.87
C GLU A 27 3.41 -13.13 -41.37
N ASP A 28 3.12 -13.20 -40.06
CA ASP A 28 2.36 -14.31 -39.47
C ASP A 28 0.90 -13.91 -39.19
N GLY A 29 0.51 -12.76 -39.77
CA GLY A 29 -0.83 -12.22 -39.62
C GLY A 29 -1.11 -11.76 -38.21
N GLU A 30 -0.05 -11.45 -37.45
CA GLU A 30 -0.17 -11.01 -36.06
C GLU A 30 -0.04 -9.51 -35.93
N MET A 31 -0.75 -8.96 -34.94
CA MET A 31 -0.73 -7.55 -34.59
C MET A 31 0.49 -7.27 -33.75
N THR A 32 1.65 -7.28 -34.41
CA THR A 32 2.96 -7.12 -33.79
C THR A 32 3.73 -6.02 -34.48
N GLY A 33 4.17 -5.05 -33.68
CA GLY A 33 4.94 -3.94 -34.21
C GLY A 33 5.01 -2.76 -33.26
N GLU A 34 5.64 -1.70 -33.74
CA GLU A 34 5.89 -0.48 -32.98
C GLU A 34 4.86 0.59 -33.28
N LYS A 35 3.95 0.36 -34.23
CA LYS A 35 2.98 1.39 -34.66
C LYS A 35 1.58 0.85 -34.67
N ILE A 36 1.23 0.13 -33.60
CA ILE A 36 -0.09 -0.47 -33.43
C ILE A 36 -0.80 0.40 -32.44
N ALA A 37 -2.13 0.40 -32.47
CA ALA A 37 -2.87 1.21 -31.52
C ALA A 37 -4.15 0.53 -31.11
N TYR A 38 -4.58 0.84 -29.88
CA TYR A 38 -5.88 0.47 -29.39
C TYR A 38 -6.63 1.80 -29.49
N VAL A 39 -7.85 1.78 -30.06
CA VAL A 39 -8.63 3.00 -30.17
C VAL A 39 -9.90 2.78 -29.33
N TYR A 40 -10.20 3.73 -28.45
CA TYR A 40 -11.37 3.60 -27.58
C TYR A 40 -12.69 3.74 -28.37
N PRO A 41 -13.88 3.49 -27.74
CA PRO A 41 -15.16 3.59 -28.48
C PRO A 41 -15.52 4.99 -29.04
N ASP A 42 -14.86 6.08 -28.58
CA ASP A 42 -15.12 7.43 -29.13
C ASP A 42 -14.45 7.59 -30.50
N GLU A 43 -13.65 6.57 -30.93
CA GLU A 43 -12.90 6.60 -32.21
C GLU A 43 -11.93 7.80 -32.29
N ARG A 44 -11.45 8.28 -31.14
CA ARG A 44 -10.53 9.44 -31.05
C ARG A 44 -9.39 9.19 -30.06
N THR A 45 -9.72 8.74 -28.84
CA THR A 45 -8.75 8.43 -27.79
C THR A 45 -8.07 7.13 -28.14
N ALA A 46 -6.74 7.12 -28.14
CA ALA A 46 -5.95 5.96 -28.54
C ALA A 46 -4.71 5.75 -27.69
N LEU A 47 -4.21 4.50 -27.68
CA LEU A 47 -2.99 4.09 -26.99
C LEU A 47 -2.15 3.51 -28.09
N TYR A 48 -1.11 4.25 -28.47
CA TYR A 48 -0.30 3.93 -29.65
C TYR A 48 1.12 3.50 -29.32
N GLY A 49 1.57 2.44 -29.97
CA GLY A 49 2.95 2.02 -29.80
C GLY A 49 3.21 0.55 -30.02
N LYS A 50 3.98 -0.02 -29.07
CA LYS A 50 4.44 -1.40 -29.14
C LYS A 50 3.43 -2.40 -28.69
N PHE A 51 3.05 -3.32 -29.60
CA PHE A 51 2.13 -4.42 -29.31
C PHE A 51 2.77 -5.72 -29.79
N ILE A 52 2.50 -6.85 -29.10
CA ILE A 52 3.02 -8.18 -29.51
C ILE A 52 1.82 -9.09 -29.62
N ASP A 53 1.52 -9.60 -30.83
CA ASP A 53 0.35 -10.45 -31.07
C ASP A 53 -0.95 -9.83 -30.48
N GLY A 54 -1.11 -8.52 -30.68
CA GLY A 54 -2.29 -7.80 -30.20
C GLY A 54 -2.24 -7.43 -28.73
N GLU A 55 -1.15 -7.76 -28.03
CA GLU A 55 -1.03 -7.42 -26.61
C GLU A 55 -0.24 -6.15 -26.46
N MET A 56 -0.78 -5.21 -25.71
CA MET A 56 -0.16 -3.89 -25.50
C MET A 56 1.06 -3.96 -24.58
N ILE A 57 2.25 -3.65 -25.12
CA ILE A 57 3.52 -3.63 -24.35
C ILE A 57 3.79 -2.21 -23.88
N GLU A 58 3.64 -1.22 -24.79
CA GLU A 58 3.85 0.18 -24.47
C GLU A 58 2.90 1.01 -25.32
N GLY A 59 1.78 1.39 -24.72
CA GLY A 59 0.79 2.19 -25.45
C GLY A 59 0.82 3.61 -24.96
N LYS A 60 1.25 4.53 -25.82
CA LYS A 60 1.33 5.94 -25.44
C LYS A 60 0.00 6.61 -25.74
N LEU A 61 -0.45 7.49 -24.85
CA LEU A 61 -1.67 8.25 -25.04
C LEU A 61 -1.56 9.09 -26.32
N ALA A 62 -2.58 8.99 -27.17
CA ALA A 62 -2.61 9.65 -28.46
C ALA A 62 -4.03 9.94 -28.90
N THR A 63 -4.16 10.73 -29.97
CA THR A 63 -5.44 11.07 -30.57
C THR A 63 -5.43 10.55 -32.01
N LEU A 64 -6.52 9.91 -32.44
CA LEU A 64 -6.69 9.51 -33.84
C LEU A 64 -7.19 10.80 -34.50
N MET A 65 -6.33 11.47 -35.28
CA MET A 65 -6.59 12.77 -35.94
C MET A 65 -7.41 12.62 -37.19
N SER A 66 -7.07 11.62 -38.03
CA SER A 66 -7.70 11.31 -39.30
C SER A 66 -7.34 9.91 -39.75
N THR A 67 -8.05 9.42 -40.76
CA THR A 67 -7.81 8.14 -41.40
C THR A 67 -7.82 8.44 -42.91
N GLU A 68 -6.85 7.88 -43.63
CA GLU A 68 -6.73 8.05 -45.09
C GLU A 68 -6.74 6.65 -45.69
N GLU A 69 -7.86 6.23 -46.33
CA GLU A 69 -7.98 4.88 -46.94
C GLU A 69 -7.67 3.76 -45.94
N GLY A 70 -8.24 3.88 -44.76
CA GLY A 70 -8.01 2.93 -43.67
C GLY A 70 -6.72 3.10 -42.90
N ARG A 71 -5.82 4.01 -43.33
N ARG A 71 -5.82 4.01 -43.33
CA ARG A 71 -4.52 4.25 -42.65
CA ARG A 71 -4.55 4.23 -42.61
C ARG A 71 -4.70 5.32 -41.59
C ARG A 71 -4.71 5.33 -41.58
N PRO A 72 -4.65 4.98 -40.28
CA PRO A 72 -4.82 6.01 -39.24
C PRO A 72 -3.64 6.98 -39.09
N HIS A 73 -3.94 8.24 -38.76
CA HIS A 73 -2.93 9.23 -38.43
C HIS A 73 -3.09 9.61 -36.95
N PHE A 74 -2.07 9.30 -36.13
CA PHE A 74 -2.10 9.58 -34.70
C PHE A 74 -1.20 10.74 -34.32
N GLU A 75 -1.57 11.47 -33.28
CA GLU A 75 -0.74 12.52 -32.71
C GLU A 75 -0.60 12.10 -31.26
N LEU A 76 0.64 11.98 -30.75
CA LEU A 76 0.89 11.63 -29.35
C LEU A 76 0.44 12.79 -28.45
N MET A 77 -0.16 12.46 -27.33
CA MET A 77 -0.61 13.45 -26.38
C MET A 77 0.57 13.77 -25.44
N PRO A 78 0.95 15.06 -25.29
CA PRO A 78 1.97 15.42 -24.29
C PRO A 78 1.58 14.94 -22.88
N GLY A 79 2.58 14.70 -22.05
CA GLY A 79 2.33 14.28 -20.68
C GLY A 79 2.85 12.91 -20.31
N ASN A 80 3.44 12.18 -21.28
CA ASN A 80 4.03 10.84 -21.09
C ASN A 80 3.09 9.85 -20.36
N SER A 81 1.79 9.83 -20.72
CA SER A 81 0.89 8.84 -20.12
C SER A 81 1.13 7.60 -20.99
N VAL A 82 1.60 6.50 -20.33
CA VAL A 82 1.96 5.21 -20.95
CA VAL A 82 1.88 5.22 -20.98
C VAL A 82 1.21 4.07 -20.23
N TYR A 83 0.75 3.09 -20.98
CA TYR A 83 0.01 1.94 -20.46
C TYR A 83 0.50 0.67 -21.05
N HIS A 84 0.22 -0.44 -20.37
CA HIS A 84 0.54 -1.77 -20.84
C HIS A 84 -0.52 -2.78 -20.36
N PHE A 85 -0.57 -3.95 -21.02
CA PHE A 85 -1.44 -5.04 -20.64
C PHE A 85 -1.12 -5.42 -19.19
N ASP A 86 -2.14 -5.42 -18.33
CA ASP A 86 -1.92 -5.60 -16.90
C ASP A 86 -3.12 -6.31 -16.28
N LYS A 87 -3.56 -7.39 -16.90
CA LYS A 87 -4.71 -8.16 -16.42
C LYS A 87 -4.54 -8.63 -14.97
N SER A 88 -5.57 -8.36 -14.15
CA SER A 88 -5.56 -8.72 -12.75
C SER A 88 -5.51 -10.25 -12.50
N THR A 89 -5.21 -10.64 -11.25
CA THR A 89 -5.27 -12.03 -10.82
C THR A 89 -6.30 -12.06 -9.72
N SER A 90 -6.39 -13.17 -8.96
CA SER A 90 -7.31 -13.25 -7.81
C SER A 90 -6.88 -12.32 -6.67
N SER A 91 -5.61 -11.94 -6.64
CA SER A 91 -5.10 -11.09 -5.57
C SER A 91 -4.42 -9.77 -6.02
N CYS A 92 -3.95 -9.65 -7.27
CA CYS A 92 -3.29 -8.43 -7.75
C CYS A 92 -4.22 -7.66 -8.67
N ILE A 93 -4.77 -6.55 -8.19
CA ILE A 93 -5.72 -5.76 -8.97
C ILE A 93 -5.08 -5.01 -10.15
N SER A 94 -3.81 -4.56 -9.98
CA SER A 94 -3.12 -3.69 -10.95
C SER A 94 -1.70 -3.54 -10.48
N THR A 95 -0.78 -3.21 -11.42
CA THR A 95 0.62 -2.91 -11.02
C THR A 95 0.84 -1.37 -11.01
N ASN A 96 -0.21 -0.58 -11.33
CA ASN A 96 -0.14 0.87 -11.22
C ASN A 96 -1.57 1.32 -10.88
N ALA A 97 -1.97 1.04 -9.64
CA ALA A 97 -3.32 1.23 -9.13
C ALA A 97 -3.80 2.69 -9.22
N LEU A 98 -2.85 3.67 -9.21
CA LEU A 98 -3.23 5.10 -9.21
C LEU A 98 -3.14 5.78 -10.57
N LEU A 99 -2.91 5.02 -11.64
CA LEU A 99 -2.78 5.58 -13.00
C LEU A 99 -4.16 5.48 -13.60
N PRO A 100 -4.88 6.61 -13.76
CA PRO A 100 -6.27 6.54 -14.26
C PRO A 100 -6.41 6.18 -15.72
N ASP A 101 -7.55 5.62 -16.07
CA ASP A 101 -7.83 5.32 -17.48
C ASP A 101 -8.10 6.69 -18.15
N PRO A 102 -7.46 6.99 -19.31
CA PRO A 102 -7.59 8.33 -19.91
C PRO A 102 -8.96 8.62 -20.49
N TYR A 103 -9.61 7.58 -21.01
CA TYR A 103 -10.94 7.69 -21.64
C TYR A 103 -11.98 7.95 -20.55
N GLU A 104 -11.92 7.16 -19.47
CA GLU A 104 -12.83 7.28 -18.35
C GLU A 104 -12.65 8.63 -17.61
N SER A 105 -11.40 9.08 -17.45
CA SER A 105 -11.07 10.34 -16.77
CA SER A 105 -11.09 10.33 -16.75
C SER A 105 -11.78 11.55 -17.37
N GLU A 106 -12.03 11.53 -18.67
CA GLU A 106 -12.69 12.62 -19.36
C GLU A 106 -14.21 12.51 -19.35
N ARG A 107 -14.75 11.38 -18.86
CA ARG A 107 -16.20 11.14 -18.85
C ARG A 107 -16.88 11.09 -17.50
N VAL A 108 -16.16 10.65 -16.45
CA VAL A 108 -16.78 10.48 -15.15
C VAL A 108 -15.92 11.02 -14.02
N TYR A 109 -16.56 11.26 -12.88
CA TYR A 109 -15.84 11.61 -11.66
C TYR A 109 -16.58 11.01 -10.47
N VAL A 110 -15.89 10.92 -9.35
CA VAL A 110 -16.46 10.39 -8.10
C VAL A 110 -16.79 11.55 -7.19
N ALA A 111 -17.96 11.50 -6.54
CA ALA A 111 -18.36 12.49 -5.56
C ALA A 111 -19.39 11.86 -4.61
N GLU A 112 -19.83 12.57 -3.58
CA GLU A 112 -20.86 12.02 -2.73
C GLU A 112 -22.12 11.67 -3.58
N SER A 113 -22.68 10.48 -3.34
CA SER A 113 -23.88 10.07 -4.06
C SER A 113 -25.05 11.00 -3.74
N LEU A 114 -25.98 11.17 -4.69
CA LEU A 114 -27.20 11.95 -4.43
C LEU A 114 -28.19 11.07 -3.64
N ILE A 115 -27.93 9.76 -3.59
CA ILE A 115 -28.75 8.82 -2.82
C ILE A 115 -28.33 8.95 -1.36
N SER A 116 -29.30 9.26 -0.50
CA SER A 116 -29.08 9.45 0.94
C SER A 116 -28.36 8.24 1.56
N SER A 117 -27.22 8.49 2.26
CA SER A 117 -26.42 7.47 2.99
C SER A 117 -25.78 6.37 2.11
N ALA A 118 -25.71 6.57 0.79
CA ALA A 118 -25.19 5.56 -0.13
C ALA A 118 -23.67 5.69 -0.38
N GLY A 119 -22.96 6.46 0.43
CA GLY A 119 -21.53 6.66 0.24
C GLY A 119 -21.22 7.46 -1.02
N GLU A 120 -20.17 7.06 -1.73
CA GLU A 120 -19.79 7.71 -2.98
C GLU A 120 -20.61 7.21 -4.13
N GLY A 121 -20.67 8.05 -5.15
CA GLY A 121 -21.36 7.80 -6.41
C GLY A 121 -20.46 8.16 -7.58
N LEU A 122 -20.85 7.74 -8.78
CA LEU A 122 -20.18 8.00 -10.06
C LEU A 122 -21.03 9.00 -10.86
N PHE A 123 -20.38 10.06 -11.34
CA PHE A 123 -21.09 11.14 -12.04
C PHE A 123 -20.56 11.40 -13.43
N SER A 124 -21.42 11.84 -14.33
CA SER A 124 -20.99 12.18 -15.69
C SER A 124 -20.30 13.56 -15.65
N LYS A 125 -19.18 13.66 -16.31
CA LYS A 125 -18.45 14.91 -16.43
C LYS A 125 -18.98 15.67 -17.66
N VAL A 126 -19.56 14.95 -18.64
CA VAL A 126 -20.01 15.53 -19.92
C VAL A 126 -21.42 15.09 -20.36
N ALA A 127 -22.00 15.79 -21.35
CA ALA A 127 -23.28 15.41 -21.93
C ALA A 127 -22.97 14.35 -23.00
N VAL A 128 -23.63 13.20 -22.93
CA VAL A 128 -23.40 12.10 -23.90
C VAL A 128 -24.75 11.53 -24.35
N GLY A 129 -24.78 10.89 -25.51
CA GLY A 129 -26.00 10.27 -25.97
C GLY A 129 -26.20 8.88 -25.36
N PRO A 130 -27.25 8.18 -25.80
CA PRO A 130 -27.48 6.80 -25.33
C PRO A 130 -26.39 5.84 -25.81
N ASN A 131 -26.20 4.71 -25.12
CA ASN A 131 -25.23 3.66 -25.55
C ASN A 131 -23.74 4.09 -25.49
N THR A 132 -23.40 5.07 -24.63
CA THR A 132 -22.02 5.53 -24.49
C THR A 132 -21.29 4.81 -23.36
N VAL A 133 -20.11 4.27 -23.65
CA VAL A 133 -19.25 3.67 -22.62
C VAL A 133 -18.69 4.84 -21.80
N MET A 134 -18.94 4.82 -20.48
CA MET A 134 -18.52 5.90 -19.60
C MET A 134 -17.40 5.51 -18.68
N SER A 135 -17.40 4.24 -18.23
CA SER A 135 -16.50 3.79 -17.16
C SER A 135 -16.21 2.30 -17.27
N PHE A 136 -15.12 1.86 -16.63
CA PHE A 136 -14.67 0.48 -16.67
C PHE A 136 -14.80 -0.17 -15.32
N TYR A 137 -15.24 -1.42 -15.29
CA TYR A 137 -15.34 -2.12 -14.03
C TYR A 137 -14.25 -3.17 -14.02
N ASN A 138 -13.07 -2.75 -13.60
CA ASN A 138 -11.94 -3.65 -13.43
C ASN A 138 -11.83 -4.01 -11.95
N GLY A 139 -11.19 -5.14 -11.69
CA GLY A 139 -10.92 -5.60 -10.34
C GLY A 139 -10.18 -6.92 -10.37
N VAL A 140 -10.02 -7.52 -9.16
CA VAL A 140 -9.40 -8.84 -9.02
C VAL A 140 -10.42 -9.87 -9.57
N ARG A 141 -9.92 -11.01 -10.05
CA ARG A 141 -10.69 -12.11 -10.67
C ARG A 141 -10.82 -13.29 -9.76
N ILE A 142 -12.04 -13.59 -9.34
CA ILE A 142 -12.27 -14.69 -8.42
C ILE A 142 -13.41 -15.55 -8.95
N THR A 143 -13.59 -16.75 -8.40
CA THR A 143 -14.67 -17.64 -8.84
C THR A 143 -15.97 -17.29 -8.11
N HIS A 144 -17.11 -17.70 -8.71
CA HIS A 144 -18.44 -17.59 -8.15
C HIS A 144 -18.49 -18.39 -6.83
N GLN A 145 -17.87 -19.59 -6.83
CA GLN A 145 -17.80 -20.48 -5.66
C GLN A 145 -17.09 -19.79 -4.49
N GLU A 146 -15.96 -19.09 -4.74
CA GLU A 146 -15.26 -18.32 -3.70
C GLU A 146 -16.19 -17.24 -3.12
N VAL A 147 -16.87 -16.45 -3.99
CA VAL A 147 -17.82 -15.40 -3.56
C VAL A 147 -18.98 -16.01 -2.71
N ASP A 148 -19.55 -17.12 -3.20
CA ASP A 148 -20.69 -17.80 -2.55
C ASP A 148 -20.30 -18.40 -1.21
N SER A 149 -19.13 -19.07 -1.14
CA SER A 149 -18.63 -19.78 0.05
C SER A 149 -18.12 -18.88 1.14
N ARG A 150 -17.53 -17.73 0.78
CA ARG A 150 -16.98 -16.77 1.76
C ARG A 150 -18.09 -15.96 2.42
N ASP A 151 -17.72 -15.15 3.44
CA ASP A 151 -18.58 -14.25 4.21
C ASP A 151 -19.24 -13.26 3.26
N TRP A 152 -20.57 -13.32 3.12
CA TRP A 152 -21.33 -12.46 2.21
C TRP A 152 -21.15 -10.93 2.42
N ALA A 153 -20.61 -10.50 3.58
CA ALA A 153 -20.32 -9.07 3.86
C ALA A 153 -19.10 -8.53 3.04
N LEU A 154 -18.38 -9.43 2.35
CA LEU A 154 -17.22 -9.09 1.54
C LEU A 154 -17.63 -8.90 0.07
N ASN A 155 -18.95 -9.02 -0.22
CA ASN A 155 -19.50 -9.03 -1.56
C ASN A 155 -20.27 -7.79 -2.02
N GLY A 156 -19.87 -6.61 -1.53
CA GLY A 156 -20.47 -5.36 -1.96
C GLY A 156 -20.14 -4.98 -3.41
N ASN A 157 -18.91 -5.32 -3.86
CA ASN A 157 -18.35 -4.94 -5.16
C ASN A 157 -18.11 -6.12 -6.13
N THR A 158 -18.69 -7.28 -5.83
CA THR A 158 -18.51 -8.48 -6.64
C THR A 158 -19.45 -8.45 -7.83
N LEU A 159 -18.91 -8.20 -9.01
CA LEU A 159 -19.70 -8.15 -10.23
C LEU A 159 -19.38 -9.37 -11.10
N SER A 160 -20.41 -10.15 -11.46
CA SER A 160 -20.21 -11.34 -12.29
C SER A 160 -19.65 -10.96 -13.67
N LEU A 161 -18.59 -11.63 -14.13
CA LEU A 161 -18.03 -11.39 -15.47
C LEU A 161 -18.66 -12.37 -16.48
N ASP A 162 -18.71 -13.66 -16.10
CA ASP A 162 -19.27 -14.80 -16.84
C ASP A 162 -19.65 -15.90 -15.82
N GLU A 163 -20.04 -17.12 -16.27
CA GLU A 163 -20.45 -18.23 -15.39
C GLU A 163 -19.33 -18.73 -14.45
N GLU A 164 -18.07 -18.47 -14.80
CA GLU A 164 -16.90 -18.90 -14.03
C GLU A 164 -16.28 -17.84 -13.13
N THR A 165 -16.24 -16.59 -13.61
CA THR A 165 -15.52 -15.51 -12.96
C THR A 165 -16.35 -14.34 -12.46
N VAL A 166 -15.89 -13.77 -11.35
CA VAL A 166 -16.45 -12.57 -10.74
C VAL A 166 -15.30 -11.53 -10.66
N ILE A 167 -15.63 -10.28 -10.93
CA ILE A 167 -14.68 -9.16 -10.78
C ILE A 167 -15.06 -8.51 -9.45
N ASP A 168 -14.08 -8.38 -8.56
CA ASP A 168 -14.25 -7.76 -7.26
C ASP A 168 -13.31 -6.54 -7.08
N VAL A 169 -13.74 -5.53 -6.30
CA VAL A 169 -12.87 -4.40 -5.93
C VAL A 169 -12.81 -4.47 -4.37
N PRO A 170 -11.94 -5.33 -3.79
CA PRO A 170 -11.95 -5.50 -2.34
C PRO A 170 -11.22 -4.36 -1.63
N GLU A 171 -11.39 -4.29 -0.30
CA GLU A 171 -10.66 -3.34 0.52
C GLU A 171 -9.16 -3.61 0.37
N PRO A 172 -8.30 -2.59 0.31
CA PRO A 172 -8.56 -1.14 0.42
C PRO A 172 -8.79 -0.45 -0.92
N TYR A 173 -8.89 -1.23 -2.02
CA TYR A 173 -9.00 -0.67 -3.38
C TYR A 173 -10.34 -0.05 -3.71
N ASN A 174 -11.33 -0.15 -2.79
CA ASN A 174 -12.65 0.47 -2.98
C ASN A 174 -12.58 1.97 -2.59
N HIS A 175 -11.40 2.45 -2.20
CA HIS A 175 -11.11 3.85 -1.90
C HIS A 175 -10.21 4.39 -3.01
N VAL A 176 -10.58 5.55 -3.58
CA VAL A 176 -9.88 6.17 -4.74
C VAL A 176 -8.43 6.56 -4.41
N SER A 177 -8.13 6.74 -3.10
CA SER A 177 -6.77 7.05 -2.67
C SER A 177 -5.87 5.81 -2.82
N LYS A 178 -6.44 4.59 -2.91
CA LYS A 178 -5.64 3.37 -3.11
C LYS A 178 -5.74 2.80 -4.53
N TYR A 179 -6.83 3.08 -5.21
CA TYR A 179 -7.08 2.57 -6.54
C TYR A 179 -8.00 3.48 -7.33
N CYS A 180 -7.52 3.95 -8.47
CA CYS A 180 -8.34 4.82 -9.34
C CYS A 180 -8.08 4.54 -10.84
N ALA A 181 -7.47 3.39 -11.17
CA ALA A 181 -7.22 2.97 -12.56
C ALA A 181 -8.52 2.83 -13.33
N SER A 182 -9.61 2.45 -12.63
CA SER A 182 -10.96 2.33 -13.19
C SER A 182 -11.93 2.75 -12.06
N LEU A 183 -13.14 3.18 -12.40
CA LEU A 183 -14.06 3.69 -11.39
C LEU A 183 -15.45 3.10 -11.43
N GLY A 184 -15.63 2.02 -12.21
CA GLY A 184 -16.94 1.38 -12.40
C GLY A 184 -17.62 0.95 -11.11
N HIS A 185 -16.82 0.55 -10.12
CA HIS A 185 -17.24 0.10 -8.80
C HIS A 185 -17.83 1.23 -7.96
N LYS A 186 -17.83 2.50 -8.46
CA LYS A 186 -18.40 3.63 -7.75
C LYS A 186 -19.85 3.93 -8.13
N ALA A 187 -20.41 3.26 -9.18
CA ALA A 187 -21.77 3.53 -9.58
C ALA A 187 -22.72 2.81 -8.64
N ASN A 188 -23.69 3.57 -8.12
CA ASN A 188 -24.71 3.04 -7.21
C ASN A 188 -25.88 2.43 -7.92
N HIS A 189 -26.71 1.72 -7.14
CA HIS A 189 -27.93 1.06 -7.63
C HIS A 189 -29.09 2.02 -7.75
N SER A 190 -29.95 1.82 -8.76
CA SER A 190 -31.24 2.48 -8.87
C SER A 190 -32.23 1.56 -9.56
N PHE A 191 -33.54 1.67 -9.22
CA PHE A 191 -34.62 0.92 -9.90
C PHE A 191 -35.07 1.65 -11.19
N THR A 192 -34.57 2.88 -11.37
CA THR A 192 -34.74 3.72 -12.57
C THR A 192 -33.31 4.08 -13.01
N PRO A 193 -32.50 3.10 -13.46
CA PRO A 193 -31.11 3.40 -13.81
C PRO A 193 -30.94 4.16 -15.14
N ASN A 194 -29.76 4.78 -15.34
CA ASN A 194 -29.51 5.43 -16.63
C ASN A 194 -28.36 4.71 -17.34
N CYS A 195 -27.82 3.63 -16.76
CA CYS A 195 -26.72 2.85 -17.32
C CYS A 195 -26.96 1.36 -17.13
N ILE A 196 -26.15 0.57 -17.83
CA ILE A 196 -26.12 -0.87 -17.69
C ILE A 196 -24.67 -1.31 -17.61
N TYR A 197 -24.42 -2.51 -17.06
CA TYR A 197 -23.09 -3.12 -17.13
C TYR A 197 -23.07 -3.85 -18.48
N ASP A 198 -21.93 -3.83 -19.18
CA ASP A 198 -21.82 -4.50 -20.46
C ASP A 198 -20.43 -5.06 -20.57
N MET A 199 -20.23 -6.04 -21.45
CA MET A 199 -18.90 -6.61 -21.70
C MET A 199 -17.97 -5.57 -22.28
N PHE A 200 -16.68 -5.72 -22.01
CA PHE A 200 -15.69 -4.80 -22.57
C PHE A 200 -14.36 -5.50 -22.66
N VAL A 201 -13.65 -5.33 -23.81
CA VAL A 201 -12.31 -5.93 -23.97
C VAL A 201 -11.33 -4.78 -23.92
N HIS A 202 -10.65 -4.62 -22.77
CA HIS A 202 -9.76 -3.49 -22.49
C HIS A 202 -8.28 -3.85 -22.75
N PRO A 203 -7.50 -2.96 -23.40
CA PRO A 203 -6.09 -3.28 -23.73
C PRO A 203 -5.18 -3.41 -22.50
N ARG A 204 -5.56 -2.72 -21.42
CA ARG A 204 -4.83 -2.76 -20.13
C ARG A 204 -5.41 -3.81 -19.20
N PHE A 205 -6.74 -3.77 -18.99
CA PHE A 205 -7.42 -4.63 -18.00
C PHE A 205 -7.83 -6.00 -18.53
N GLY A 206 -7.78 -6.19 -19.83
CA GLY A 206 -8.23 -7.44 -20.45
C GLY A 206 -9.75 -7.57 -20.48
N PRO A 207 -10.30 -8.80 -20.40
CA PRO A 207 -11.79 -8.93 -20.41
C PRO A 207 -12.47 -8.53 -19.10
N ILE A 208 -13.23 -7.43 -19.15
CA ILE A 208 -13.90 -6.88 -17.97
C ILE A 208 -15.33 -6.50 -18.35
N LYS A 209 -15.94 -5.64 -17.50
CA LYS A 209 -17.23 -5.06 -17.77
C LYS A 209 -17.05 -3.54 -17.78
N CYS A 210 -17.97 -2.83 -18.42
CA CYS A 210 -17.99 -1.37 -18.50
C CYS A 210 -19.40 -0.87 -18.08
N ILE A 211 -19.51 0.42 -17.87
CA ILE A 211 -20.80 1.05 -17.59
C ILE A 211 -21.13 1.78 -18.87
N ARG A 212 -22.30 1.48 -19.41
CA ARG A 212 -22.74 2.07 -20.67
C ARG A 212 -24.06 2.78 -20.46
N THR A 213 -24.23 4.01 -20.95
CA THR A 213 -25.52 4.71 -20.74
C THR A 213 -26.66 4.00 -21.48
N LEU A 214 -27.85 4.08 -20.90
CA LEU A 214 -29.08 3.54 -21.51
C LEU A 214 -29.79 4.65 -22.28
N ARG A 215 -29.51 5.91 -21.92
CA ARG A 215 -30.18 7.08 -22.51
C ARG A 215 -29.20 8.23 -22.60
N ALA A 216 -29.65 9.37 -23.13
CA ALA A 216 -28.81 10.57 -23.15
C ALA A 216 -28.63 10.96 -21.67
N VAL A 217 -27.38 11.32 -21.29
CA VAL A 217 -27.07 11.73 -19.91
C VAL A 217 -26.46 13.13 -20.00
N GLU A 218 -26.84 14.02 -19.09
CA GLU A 218 -26.34 15.39 -19.02
C GLU A 218 -25.14 15.45 -18.07
N ALA A 219 -24.32 16.50 -18.16
CA ALA A 219 -23.16 16.65 -17.28
C ALA A 219 -23.66 16.78 -15.84
N ASP A 220 -22.95 16.13 -14.90
CA ASP A 220 -23.17 16.15 -13.44
C ASP A 220 -24.38 15.35 -12.95
N GLU A 221 -24.98 14.51 -13.84
CA GLU A 221 -26.03 13.55 -13.44
C GLU A 221 -25.29 12.42 -12.73
N GLU A 222 -25.95 11.76 -11.78
CA GLU A 222 -25.36 10.59 -11.17
C GLU A 222 -25.59 9.46 -12.12
N LEU A 223 -24.59 8.57 -12.28
CA LEU A 223 -24.69 7.38 -13.13
C LEU A 223 -25.08 6.23 -12.22
N THR A 224 -26.17 5.53 -12.58
CA THR A 224 -26.72 4.43 -11.79
C THR A 224 -27.04 3.24 -12.68
N VAL A 225 -27.01 2.02 -12.07
CA VAL A 225 -27.25 0.72 -12.73
CA VAL A 225 -27.26 0.73 -12.75
C VAL A 225 -28.21 -0.09 -11.85
N ALA A 226 -29.13 -0.88 -12.44
CA ALA A 226 -30.00 -1.75 -11.64
C ALA A 226 -29.12 -2.98 -11.29
N TYR A 227 -28.81 -3.18 -9.98
CA TYR A 227 -27.97 -4.30 -9.51
C TYR A 227 -28.66 -5.64 -9.76
N GLY A 228 -27.87 -6.69 -9.94
CA GLY A 228 -28.37 -8.03 -10.22
C GLY A 228 -28.49 -8.89 -8.99
N TYR A 229 -29.65 -8.87 -8.34
CA TYR A 229 -29.96 -9.75 -7.20
C TYR A 229 -31.12 -10.62 -7.66
N ASP A 230 -31.10 -11.91 -7.27
CA ASP A 230 -32.08 -12.95 -7.65
C ASP A 230 -32.03 -13.26 -9.14
N GLY A 238 -34.96 -9.65 -3.44
CA GLY A 238 -34.62 -11.02 -3.85
C GLY A 238 -34.05 -11.87 -2.72
N PRO A 239 -34.00 -13.23 -2.90
CA PRO A 239 -33.48 -14.11 -1.83
C PRO A 239 -32.05 -13.78 -1.38
N GLU A 240 -31.98 -13.24 -0.14
CA GLU A 240 -30.78 -12.83 0.57
C GLU A 240 -30.06 -11.62 -0.09
N ALA A 241 -30.83 -10.64 -0.63
CA ALA A 241 -30.25 -9.41 -1.19
C ALA A 241 -29.81 -8.53 0.03
N PRO A 242 -28.81 -7.61 -0.12
CA PRO A 242 -28.43 -6.78 1.04
C PRO A 242 -29.63 -6.01 1.59
N GLU A 243 -29.58 -5.70 2.90
N GLU A 243 -29.58 -5.70 2.89
CA GLU A 243 -30.68 -5.02 3.58
CA GLU A 243 -30.66 -5.02 3.57
C GLU A 243 -30.99 -3.65 2.98
C GLU A 243 -30.99 -3.65 2.99
N TRP A 244 -29.96 -2.88 2.55
CA TRP A 244 -30.18 -1.56 1.93
C TRP A 244 -31.01 -1.70 0.62
N TYR A 245 -30.84 -2.84 -0.13
CA TYR A 245 -31.57 -3.14 -1.39
C TYR A 245 -33.04 -3.45 -1.11
N GLN A 246 -33.30 -4.28 -0.10
CA GLN A 246 -34.63 -4.67 0.34
C GLN A 246 -35.41 -3.45 0.80
N VAL A 247 -34.76 -2.55 1.59
CA VAL A 247 -35.40 -1.31 2.08
C VAL A 247 -35.71 -0.41 0.86
N GLU A 248 -34.71 -0.20 -0.02
CA GLU A 248 -34.93 0.61 -1.23
C GLU A 248 -36.07 0.03 -2.11
N LEU A 249 -36.14 -1.30 -2.28
CA LEU A 249 -37.21 -1.90 -3.08
C LEU A 249 -38.61 -1.51 -2.56
N LYS A 250 -38.83 -1.61 -1.23
CA LYS A 250 -40.12 -1.28 -0.59
C LYS A 250 -40.44 0.22 -0.74
N ALA A 251 -39.47 1.11 -0.42
CA ALA A 251 -39.61 2.57 -0.55
C ALA A 251 -39.92 3.00 -2.00
N PHE A 252 -39.24 2.37 -2.99
CA PHE A 252 -39.45 2.63 -4.42
C PHE A 252 -40.89 2.23 -4.82
N GLN A 253 -41.30 1.03 -4.43
CA GLN A 253 -42.65 0.50 -4.71
C GLN A 253 -43.77 1.37 -4.12
N ALA A 254 -43.57 1.88 -2.88
CA ALA A 254 -44.55 2.71 -2.18
C ALA A 254 -44.84 4.04 -2.89
N THR A 255 -43.86 4.56 -3.63
CA THR A 255 -44.04 5.84 -4.32
C THR A 255 -44.55 5.70 -5.77
N GLN A 256 -44.62 4.47 -6.32
CA GLN A 256 -45.10 4.31 -7.71
C GLN A 256 -46.56 4.69 -7.79
N GLN A 257 -46.90 5.64 -8.70
CA GLN A 257 -48.25 6.12 -8.95
C GLN A 257 -49.04 4.96 -9.59
N LYS A 258 -50.30 4.80 -9.20
CA LYS A 258 -51.09 3.71 -9.76
C LYS A 258 -52.35 4.19 -10.37
N HIS A 259 -52.92 3.43 -11.33
CA HIS A 259 -54.21 3.76 -11.91
C HIS A 259 -55.20 3.43 -10.79
N HIS A 260 -56.26 4.22 -10.62
CA HIS A 260 -57.24 3.96 -9.55
C HIS A 260 -58.29 2.96 -9.97
N HIS B 8 -38.48 -3.58 55.75
CA HIS B 8 -37.98 -3.92 54.43
C HIS B 8 -36.76 -3.07 53.99
N GLY B 9 -35.57 -3.71 53.95
CA GLY B 9 -34.29 -3.11 53.56
C GLY B 9 -34.05 -3.02 52.06
N VAL B 10 -33.70 -1.82 51.57
CA VAL B 10 -33.50 -1.54 50.14
C VAL B 10 -32.01 -1.29 49.82
N CYS B 11 -31.53 -1.95 48.77
N CYS B 11 -31.52 -1.96 48.75
CA CYS B 11 -30.15 -1.74 48.34
CA CYS B 11 -30.14 -1.79 48.31
C CYS B 11 -30.11 -1.14 46.95
C CYS B 11 -30.06 -1.19 46.92
N TRP B 12 -29.28 -0.10 46.78
CA TRP B 12 -29.04 0.55 45.48
C TRP B 12 -27.60 0.19 45.12
N ILE B 13 -27.40 -0.36 43.93
CA ILE B 13 -26.08 -0.69 43.42
C ILE B 13 -25.87 0.25 42.25
N TYR B 14 -25.06 1.31 42.45
CA TYR B 14 -24.83 2.24 41.34
C TYR B 14 -23.62 1.77 40.55
N TYR B 15 -23.73 1.77 39.22
CA TYR B 15 -22.59 1.41 38.40
C TYR B 15 -21.73 2.65 38.15
N PRO B 16 -20.45 2.52 37.75
CA PRO B 16 -19.65 3.75 37.47
C PRO B 16 -20.29 4.69 36.44
N ASP B 17 -21.08 4.11 35.51
CA ASP B 17 -21.76 4.87 34.45
C ASP B 17 -22.95 5.71 34.91
N GLY B 18 -23.39 5.56 36.18
CA GLY B 18 -24.50 6.34 36.71
C GLY B 18 -25.82 5.61 36.78
N GLY B 19 -25.92 4.50 36.07
CA GLY B 19 -27.09 3.63 36.14
C GLY B 19 -27.07 2.87 37.45
N SER B 20 -28.23 2.32 37.85
CA SER B 20 -28.31 1.60 39.12
C SER B 20 -29.30 0.43 39.14
N LEU B 21 -29.07 -0.52 40.04
CA LEU B 21 -29.95 -1.66 40.33
C LEU B 21 -30.50 -1.38 41.75
N VAL B 22 -31.81 -1.40 41.92
CA VAL B 22 -32.45 -1.07 43.21
C VAL B 22 -33.55 -2.06 43.59
N GLY B 23 -33.50 -2.52 44.83
CA GLY B 23 -34.53 -3.39 45.35
C GLY B 23 -34.25 -3.96 46.72
N GLU B 24 -35.29 -4.54 47.30
CA GLU B 24 -35.22 -5.23 48.57
C GLU B 24 -34.47 -6.54 48.36
N VAL B 25 -33.47 -6.81 49.20
CA VAL B 25 -32.70 -8.06 49.14
C VAL B 25 -33.51 -9.16 49.85
N ASN B 26 -33.36 -10.43 49.44
CA ASN B 26 -34.11 -11.50 50.10
C ASN B 26 -33.30 -12.10 51.26
N GLU B 27 -33.84 -13.15 51.94
CA GLU B 27 -33.22 -13.85 53.09
C GLU B 27 -31.74 -14.25 52.86
N ASP B 28 -31.40 -14.60 51.60
CA ASP B 28 -30.04 -15.00 51.20
C ASP B 28 -29.16 -13.83 50.75
N GLY B 29 -29.64 -12.60 50.97
CA GLY B 29 -28.94 -11.38 50.55
C GLY B 29 -28.98 -11.15 49.04
N GLU B 30 -29.88 -11.87 48.34
CA GLU B 30 -30.02 -11.81 46.88
C GLU B 30 -31.07 -10.79 46.41
N MET B 31 -30.76 -10.11 45.31
CA MET B 31 -31.62 -9.11 44.67
C MET B 31 -32.66 -9.87 43.82
N THR B 32 -33.56 -10.59 44.51
CA THR B 32 -34.60 -11.45 43.92
C THR B 32 -35.97 -11.01 44.42
N GLY B 33 -36.88 -10.80 43.48
CA GLY B 33 -38.25 -10.41 43.82
C GLY B 33 -39.01 -9.88 42.63
N GLU B 34 -40.21 -9.41 42.89
CA GLU B 34 -41.13 -8.92 41.88
C GLU B 34 -41.13 -7.40 41.75
N LYS B 35 -40.43 -6.71 42.65
CA LYS B 35 -40.40 -5.24 42.67
C LYS B 35 -38.96 -4.73 42.62
N ILE B 36 -38.13 -5.33 41.74
CA ILE B 36 -36.74 -4.90 41.62
C ILE B 36 -36.66 -4.00 40.40
N ALA B 37 -35.71 -3.07 40.36
CA ALA B 37 -35.61 -2.25 39.17
C ALA B 37 -34.20 -1.90 38.77
N TYR B 38 -34.03 -1.66 37.48
CA TYR B 38 -32.81 -1.08 36.96
C TYR B 38 -33.24 0.39 36.65
N VAL B 39 -32.44 1.35 37.07
CA VAL B 39 -32.74 2.76 36.81
C VAL B 39 -31.60 3.27 35.90
N TYR B 40 -31.97 3.91 34.77
CA TYR B 40 -30.98 4.48 33.82
C TYR B 40 -30.21 5.67 34.41
N PRO B 41 -29.11 6.13 33.76
CA PRO B 41 -28.31 7.24 34.30
C PRO B 41 -29.05 8.57 34.45
N ASP B 42 -30.22 8.74 33.82
CA ASP B 42 -31.02 9.96 34.00
C ASP B 42 -31.74 9.94 35.38
N GLU B 43 -31.62 8.81 36.14
CA GLU B 43 -32.24 8.62 37.46
C GLU B 43 -33.76 8.77 37.40
N ARG B 44 -34.38 8.52 36.23
CA ARG B 44 -35.84 8.62 36.03
C ARG B 44 -36.37 7.44 35.27
N THR B 45 -35.73 7.09 34.13
CA THR B 45 -36.20 5.99 33.28
C THR B 45 -35.85 4.68 33.98
N ALA B 46 -36.82 3.79 34.14
CA ALA B 46 -36.62 2.53 34.84
C ALA B 46 -37.27 1.34 34.18
N LEU B 47 -36.76 0.15 34.52
CA LEU B 47 -37.25 -1.16 34.07
C LEU B 47 -37.53 -1.86 35.36
N TYR B 48 -38.81 -2.01 35.66
CA TYR B 48 -39.30 -2.47 36.94
C TYR B 48 -40.06 -3.79 36.90
N GLY B 49 -39.72 -4.70 37.80
CA GLY B 49 -40.42 -5.97 37.86
C GLY B 49 -39.59 -7.10 38.42
N LYS B 50 -39.74 -8.28 37.79
CA LYS B 50 -39.12 -9.52 38.25
C LYS B 50 -37.63 -9.62 37.94
N PHE B 51 -36.80 -9.75 39.00
CA PHE B 51 -35.36 -9.98 38.85
C PHE B 51 -35.01 -11.22 39.70
N ILE B 52 -33.98 -11.97 39.30
CA ILE B 52 -33.48 -13.13 40.03
C ILE B 52 -31.99 -12.86 40.23
N ASP B 53 -31.56 -12.68 41.50
CA ASP B 53 -30.17 -12.40 41.86
C ASP B 53 -29.57 -11.24 40.98
N GLY B 54 -30.29 -10.11 40.90
CA GLY B 54 -29.92 -8.93 40.11
C GLY B 54 -30.07 -9.03 38.60
N GLU B 55 -30.51 -10.18 38.08
CA GLU B 55 -30.67 -10.40 36.64
C GLU B 55 -32.13 -10.14 36.24
N MET B 56 -32.32 -9.32 35.20
CA MET B 56 -33.66 -8.93 34.75
C MET B 56 -34.41 -10.08 34.05
N ILE B 57 -35.58 -10.45 34.58
CA ILE B 57 -36.46 -11.49 34.01
C ILE B 57 -37.61 -10.79 33.30
N GLU B 58 -38.28 -9.84 33.98
CA GLU B 58 -39.40 -9.10 33.40
C GLU B 58 -39.36 -7.65 33.85
N GLY B 59 -38.60 -6.84 33.15
CA GLY B 59 -38.48 -5.42 33.49
C GLY B 59 -39.40 -4.60 32.62
N LYS B 60 -40.47 -4.05 33.23
CA LYS B 60 -41.46 -3.24 32.51
C LYS B 60 -41.05 -1.76 32.53
N LEU B 61 -41.24 -1.04 31.42
CA LEU B 61 -40.85 0.38 31.40
C LEU B 61 -41.61 1.19 32.46
N ALA B 62 -40.85 1.99 33.24
CA ALA B 62 -41.44 2.77 34.32
C ALA B 62 -40.72 4.09 34.53
N THR B 63 -41.27 4.92 35.41
CA THR B 63 -40.63 6.16 35.82
C THR B 63 -40.39 6.12 37.33
N LEU B 64 -39.18 6.51 37.75
CA LEU B 64 -38.84 6.70 39.15
C LEU B 64 -39.40 8.10 39.51
N MET B 65 -40.56 8.12 40.19
CA MET B 65 -41.32 9.32 40.56
C MET B 65 -40.71 10.06 41.74
N SER B 66 -40.21 9.28 42.72
CA SER B 66 -39.64 9.80 43.96
C SER B 66 -39.00 8.67 44.78
N THR B 67 -38.23 9.02 45.82
N THR B 67 -38.26 9.05 45.81
CA THR B 67 -37.60 8.06 46.73
CA THR B 67 -37.63 8.15 46.77
C THR B 67 -37.65 8.63 48.15
C THR B 67 -37.90 8.72 48.14
N GLU B 68 -38.19 7.84 49.10
CA GLU B 68 -38.38 8.23 50.48
C GLU B 68 -37.53 7.31 51.32
N GLU B 69 -36.44 7.85 51.89
CA GLU B 69 -35.48 7.14 52.74
C GLU B 69 -34.97 5.87 52.05
N GLY B 70 -34.53 6.03 50.80
CA GLY B 70 -34.01 4.98 49.95
C GLY B 70 -35.02 4.07 49.29
N ARG B 71 -36.32 4.18 49.64
CA ARG B 71 -37.38 3.33 49.06
C ARG B 71 -37.93 4.02 47.80
N PRO B 72 -37.64 3.48 46.61
CA PRO B 72 -38.08 4.15 45.38
C PRO B 72 -39.58 3.97 45.12
N HIS B 73 -40.20 4.94 44.45
CA HIS B 73 -41.61 4.85 44.04
C HIS B 73 -41.66 4.88 42.50
N PHE B 74 -42.08 3.77 41.90
CA PHE B 74 -42.17 3.66 40.45
C PHE B 74 -43.63 3.66 40.02
N GLU B 75 -43.84 4.09 38.79
CA GLU B 75 -45.15 4.17 38.13
C GLU B 75 -44.87 3.68 36.73
N LEU B 76 -45.57 2.61 36.33
CA LEU B 76 -45.40 2.03 34.99
C LEU B 76 -45.78 3.02 33.92
N MET B 77 -45.00 3.06 32.84
CA MET B 77 -45.30 3.86 31.67
C MET B 77 -46.47 3.21 30.92
N PRO B 78 -47.28 3.98 30.13
CA PRO B 78 -48.34 3.33 29.33
C PRO B 78 -47.71 2.40 28.30
N GLY B 79 -48.52 1.47 27.80
CA GLY B 79 -48.05 0.52 26.81
C GLY B 79 -47.66 -0.78 27.45
N ASN B 80 -46.91 -1.60 26.72
CA ASN B 80 -46.54 -2.92 27.25
C ASN B 80 -45.07 -3.25 26.89
N SER B 81 -44.17 -2.23 27.01
CA SER B 81 -42.74 -2.37 26.76
C SER B 81 -42.20 -3.18 27.94
N VAL B 82 -41.62 -4.35 27.64
CA VAL B 82 -41.04 -5.26 28.62
C VAL B 82 -39.67 -5.76 28.12
N TYR B 83 -38.71 -5.92 29.04
CA TYR B 83 -37.33 -6.30 28.71
C TYR B 83 -36.81 -7.37 29.64
N HIS B 84 -35.78 -8.09 29.20
CA HIS B 84 -35.13 -9.11 30.00
C HIS B 84 -33.61 -9.15 29.71
N PHE B 85 -32.82 -9.73 30.61
CA PHE B 85 -31.38 -9.93 30.42
C PHE B 85 -31.24 -10.79 29.18
N ASP B 86 -30.46 -10.30 28.20
CA ASP B 86 -30.36 -10.94 26.91
C ASP B 86 -28.95 -10.77 26.35
N LYS B 87 -27.95 -11.25 27.06
CA LYS B 87 -26.54 -11.09 26.69
C LYS B 87 -26.23 -11.75 25.38
N SER B 88 -25.51 -11.04 24.49
CA SER B 88 -25.15 -11.62 23.20
C SER B 88 -24.08 -12.71 23.41
N THR B 89 -23.94 -13.56 22.39
CA THR B 89 -22.91 -14.59 22.27
C THR B 89 -22.09 -14.19 21.01
N SER B 90 -21.17 -15.05 20.54
CA SER B 90 -20.37 -14.76 19.35
C SER B 90 -21.23 -14.82 18.06
N SER B 91 -22.37 -15.56 18.09
CA SER B 91 -23.24 -15.75 16.91
C SER B 91 -24.64 -15.15 17.07
N CYS B 92 -25.11 -14.90 18.30
CA CYS B 92 -26.43 -14.31 18.52
C CYS B 92 -26.34 -12.87 19.08
N ILE B 93 -26.84 -11.87 18.34
CA ILE B 93 -26.75 -10.47 18.78
C ILE B 93 -27.83 -10.12 19.79
N SER B 94 -29.01 -10.78 19.69
CA SER B 94 -30.17 -10.45 20.51
C SER B 94 -31.27 -11.45 20.23
N THR B 95 -32.22 -11.62 21.18
CA THR B 95 -33.43 -12.45 21.04
C THR B 95 -34.54 -11.53 20.43
N ASN B 96 -34.34 -10.21 20.48
CA ASN B 96 -35.32 -9.29 19.89
C ASN B 96 -34.56 -8.10 19.37
N ALA B 97 -33.89 -8.30 18.21
CA ALA B 97 -33.01 -7.35 17.53
C ALA B 97 -33.66 -6.04 17.22
N LEU B 98 -35.00 -6.05 16.97
CA LEU B 98 -35.74 -4.87 16.59
C LEU B 98 -36.47 -4.17 17.75
N LEU B 99 -36.31 -4.65 19.00
CA LEU B 99 -36.94 -3.99 20.15
C LEU B 99 -35.93 -2.90 20.59
N PRO B 100 -36.19 -1.59 20.41
CA PRO B 100 -35.16 -0.61 20.76
C PRO B 100 -35.03 -0.38 22.26
N ASP B 101 -33.94 0.27 22.66
CA ASP B 101 -33.72 0.63 24.06
C ASP B 101 -34.56 1.90 24.32
N PRO B 102 -35.42 1.97 25.37
CA PRO B 102 -36.28 3.16 25.53
C PRO B 102 -35.54 4.45 25.93
N TYR B 103 -34.47 4.33 26.72
CA TYR B 103 -33.65 5.48 27.16
C TYR B 103 -32.95 6.08 25.93
N GLU B 104 -32.37 5.21 25.12
CA GLU B 104 -31.68 5.59 23.89
C GLU B 104 -32.66 6.21 22.88
N SER B 105 -33.89 5.63 22.71
CA SER B 105 -34.91 6.14 21.77
CA SER B 105 -34.88 6.15 21.76
C SER B 105 -35.30 7.60 22.04
N GLU B 106 -35.24 8.03 23.32
CA GLU B 106 -35.59 9.39 23.71
C GLU B 106 -34.45 10.37 23.40
N ARG B 107 -33.22 9.87 23.18
CA ARG B 107 -32.03 10.73 23.05
C ARG B 107 -31.39 10.80 21.69
N VAL B 108 -31.53 9.74 20.87
CA VAL B 108 -30.87 9.74 19.57
C VAL B 108 -31.72 9.21 18.46
N TYR B 109 -31.28 9.48 17.21
CA TYR B 109 -31.93 8.89 16.03
C TYR B 109 -30.86 8.71 14.94
N VAL B 110 -31.11 7.83 14.01
CA VAL B 110 -30.24 7.59 12.85
C VAL B 110 -30.76 8.39 11.66
N ALA B 111 -29.85 9.01 10.93
CA ALA B 111 -30.20 9.71 9.70
C ALA B 111 -28.95 9.71 8.86
N GLU B 112 -29.00 10.28 7.66
CA GLU B 112 -27.80 10.38 6.83
C GLU B 112 -26.77 11.25 7.55
N SER B 113 -25.50 10.80 7.58
CA SER B 113 -24.44 11.57 8.24
C SER B 113 -24.24 12.91 7.50
N LEU B 114 -23.76 13.93 8.22
CA LEU B 114 -23.47 15.24 7.63
C LEU B 114 -22.03 15.23 7.07
N ILE B 115 -21.25 14.18 7.40
CA ILE B 115 -19.90 13.98 6.87
C ILE B 115 -20.15 13.38 5.46
N SER B 116 -19.60 13.99 4.42
CA SER B 116 -19.80 13.53 3.04
C SER B 116 -19.42 12.06 2.85
N SER B 117 -20.30 11.30 2.20
CA SER B 117 -20.13 9.90 1.83
C SER B 117 -19.88 8.95 2.99
N ALA B 118 -20.19 9.36 4.25
CA ALA B 118 -19.92 8.48 5.39
C ALA B 118 -21.12 7.61 5.77
N GLY B 119 -22.09 7.46 4.88
CA GLY B 119 -23.26 6.60 5.14
C GLY B 119 -24.17 7.24 6.16
N GLU B 120 -24.69 6.43 7.09
CA GLU B 120 -25.56 6.92 8.14
C GLU B 120 -24.75 7.41 9.34
N GLY B 121 -25.40 8.24 10.15
CA GLY B 121 -24.84 8.78 11.37
C GLY B 121 -25.87 8.77 12.47
N LEU B 122 -25.42 9.07 13.69
CA LEU B 122 -26.22 9.15 14.89
C LEU B 122 -26.38 10.60 15.26
N PHE B 123 -27.61 10.97 15.61
CA PHE B 123 -27.94 12.36 15.91
C PHE B 123 -28.63 12.50 17.24
N SER B 124 -28.47 13.67 17.85
N SER B 124 -28.43 13.64 17.90
CA SER B 124 -29.09 14.00 19.12
CA SER B 124 -29.08 13.93 19.18
C SER B 124 -30.54 14.40 18.87
C SER B 124 -30.51 14.37 18.89
N LYS B 125 -31.46 13.77 19.60
CA LYS B 125 -32.89 14.06 19.46
C LYS B 125 -33.21 15.31 20.27
N VAL B 126 -32.46 15.57 21.36
CA VAL B 126 -32.70 16.66 22.34
C VAL B 126 -31.39 17.37 22.74
N ALA B 127 -31.48 18.58 23.32
CA ALA B 127 -30.32 19.30 23.84
C ALA B 127 -29.93 18.60 25.16
N VAL B 128 -28.62 18.33 25.35
CA VAL B 128 -28.12 17.67 26.57
C VAL B 128 -26.88 18.38 27.07
N GLY B 129 -26.57 18.22 28.34
CA GLY B 129 -25.34 18.82 28.82
C GLY B 129 -24.17 17.87 28.62
N PRO B 130 -22.97 18.24 29.13
CA PRO B 130 -21.83 17.33 29.02
C PRO B 130 -21.97 16.08 29.89
N ASN B 131 -21.16 15.02 29.58
CA ASN B 131 -21.09 13.75 30.32
CA ASN B 131 -21.09 13.75 30.32
C ASN B 131 -22.42 12.98 30.35
N THR B 132 -23.25 13.16 29.30
CA THR B 132 -24.55 12.49 29.20
C THR B 132 -24.44 11.22 28.37
N VAL B 133 -24.87 10.08 28.94
CA VAL B 133 -24.97 8.80 28.21
C VAL B 133 -26.12 8.95 27.17
N MET B 134 -25.81 8.78 25.89
CA MET B 134 -26.79 8.96 24.81
C MET B 134 -27.20 7.68 24.13
N SER B 135 -26.27 6.76 23.98
CA SER B 135 -26.46 5.56 23.15
C SER B 135 -25.67 4.37 23.66
N PHE B 136 -26.09 3.15 23.30
CA PHE B 136 -25.40 1.92 23.73
C PHE B 136 -24.72 1.22 22.57
N TYR B 137 -23.53 0.67 22.82
CA TYR B 137 -22.80 -0.06 21.81
C TYR B 137 -22.83 -1.53 22.21
N ASN B 138 -23.90 -2.22 21.84
CA ASN B 138 -24.05 -3.66 22.04
C ASN B 138 -23.71 -4.32 20.69
N GLY B 139 -23.48 -5.62 20.74
CA GLY B 139 -23.23 -6.45 19.56
C GLY B 139 -22.79 -7.84 19.99
N VAL B 140 -22.43 -8.68 19.02
CA VAL B 140 -21.90 -10.03 19.25
C VAL B 140 -20.53 -9.88 19.93
N ARG B 141 -20.14 -10.88 20.69
CA ARG B 141 -18.93 -10.89 21.49
C ARG B 141 -17.96 -11.87 20.88
N ILE B 142 -16.84 -11.37 20.37
CA ILE B 142 -15.84 -12.18 19.73
C ILE B 142 -14.48 -11.84 20.35
N THR B 143 -13.46 -12.63 20.07
CA THR B 143 -12.14 -12.37 20.66
C THR B 143 -11.34 -11.41 19.80
N HIS B 144 -10.29 -10.78 20.40
CA HIS B 144 -9.38 -9.90 19.66
C HIS B 144 -8.67 -10.69 18.57
N GLN B 145 -8.26 -11.94 18.86
CA GLN B 145 -7.54 -12.84 17.96
C GLN B 145 -8.39 -13.10 16.72
N GLU B 146 -9.70 -13.33 16.90
CA GLU B 146 -10.65 -13.54 15.79
C GLU B 146 -10.70 -12.32 14.88
N VAL B 147 -10.84 -11.13 15.48
CA VAL B 147 -10.86 -9.86 14.73
C VAL B 147 -9.52 -9.64 13.98
N ASP B 148 -8.38 -9.89 14.67
CA ASP B 148 -7.05 -9.69 14.11
C ASP B 148 -6.72 -10.65 12.99
N SER B 149 -7.06 -11.94 13.17
CA SER B 149 -6.73 -13.01 12.23
C SER B 149 -7.65 -13.10 11.00
N ARG B 150 -8.90 -12.63 11.13
CA ARG B 150 -9.86 -12.66 10.01
C ARG B 150 -9.61 -11.52 9.03
N ASP B 151 -10.32 -11.52 7.87
CA ASP B 151 -10.25 -10.47 6.84
C ASP B 151 -10.58 -9.11 7.47
N TRP B 152 -9.65 -8.15 7.38
CA TRP B 152 -9.77 -6.81 7.98
C TRP B 152 -10.91 -5.91 7.40
N ALA B 153 -11.53 -6.29 6.28
CA ALA B 153 -12.70 -5.59 5.69
C ALA B 153 -13.99 -5.89 6.53
N LEU B 154 -13.92 -6.88 7.43
CA LEU B 154 -15.04 -7.24 8.28
C LEU B 154 -15.04 -6.50 9.63
N ASN B 155 -14.09 -5.54 9.80
CA ASN B 155 -13.85 -4.86 11.09
C ASN B 155 -14.22 -3.37 11.17
N GLY B 156 -15.25 -2.96 10.43
CA GLY B 156 -15.74 -1.59 10.49
C GLY B 156 -16.42 -1.26 11.82
N ASN B 157 -17.10 -2.27 12.42
CA ASN B 157 -17.91 -2.07 13.65
C ASN B 157 -17.37 -2.80 14.90
N THR B 158 -16.11 -3.24 14.86
CA THR B 158 -15.52 -3.95 15.97
C THR B 158 -14.99 -2.97 17.02
N LEU B 159 -15.64 -2.95 18.17
CA LEU B 159 -15.24 -2.07 19.29
C LEU B 159 -14.69 -2.91 20.45
N SER B 160 -13.45 -2.64 20.88
CA SER B 160 -12.84 -3.36 21.99
C SER B 160 -13.62 -3.09 23.29
N LEU B 161 -13.93 -4.15 24.01
CA LEU B 161 -14.63 -4.03 25.29
C LEU B 161 -13.61 -4.11 26.42
N ASP B 162 -12.74 -5.14 26.37
CA ASP B 162 -11.68 -5.36 27.35
C ASP B 162 -10.52 -6.05 26.68
N GLU B 163 -9.63 -6.69 27.46
CA GLU B 163 -8.48 -7.41 26.92
C GLU B 163 -8.88 -8.65 26.17
N GLU B 164 -9.97 -9.31 26.56
CA GLU B 164 -10.36 -10.55 25.88
C GLU B 164 -11.53 -10.42 24.91
N THR B 165 -12.34 -9.34 25.02
CA THR B 165 -13.55 -9.20 24.21
C THR B 165 -13.61 -7.95 23.32
N VAL B 166 -14.14 -8.17 22.11
CA VAL B 166 -14.48 -7.17 21.12
C VAL B 166 -16.01 -7.34 20.90
N ILE B 167 -16.71 -6.23 20.84
CA ILE B 167 -18.12 -6.14 20.52
C ILE B 167 -18.20 -5.83 19.03
N ASP B 168 -18.98 -6.63 18.26
CA ASP B 168 -19.14 -6.38 16.83
C ASP B 168 -20.62 -6.25 16.40
N VAL B 169 -20.88 -5.47 15.34
CA VAL B 169 -22.22 -5.37 14.79
C VAL B 169 -22.06 -5.78 13.33
N PRO B 170 -22.01 -7.10 13.05
CA PRO B 170 -21.76 -7.53 11.68
C PRO B 170 -23.04 -7.51 10.85
N GLU B 171 -22.88 -7.77 9.53
CA GLU B 171 -23.99 -7.88 8.61
C GLU B 171 -24.86 -9.04 9.04
N PRO B 172 -26.20 -8.93 8.91
CA PRO B 172 -26.97 -7.79 8.38
C PRO B 172 -27.36 -6.77 9.45
N TYR B 173 -26.86 -6.96 10.69
CA TYR B 173 -27.24 -6.14 11.85
C TYR B 173 -26.72 -4.70 11.83
N ASN B 174 -25.88 -4.33 10.87
CA ASN B 174 -25.41 -2.94 10.78
C ASN B 174 -26.51 -2.08 10.07
N HIS B 175 -27.67 -2.69 9.70
CA HIS B 175 -28.79 -2.02 9.07
C HIS B 175 -29.94 -1.96 10.09
N VAL B 176 -30.55 -0.76 10.26
CA VAL B 176 -31.58 -0.58 11.28
C VAL B 176 -32.84 -1.42 11.02
N SER B 177 -33.11 -1.81 9.77
CA SER B 177 -34.26 -2.68 9.49
C SER B 177 -34.04 -4.10 10.04
N LYS B 178 -32.77 -4.46 10.43
CA LYS B 178 -32.48 -5.79 11.01
C LYS B 178 -32.08 -5.76 12.49
N TYR B 179 -31.56 -4.64 12.93
CA TYR B 179 -31.13 -4.51 14.33
C TYR B 179 -31.21 -3.05 14.71
N CYS B 180 -31.94 -2.77 15.82
CA CYS B 180 -32.05 -1.40 16.34
C CYS B 180 -32.21 -1.42 17.87
N ALA B 181 -31.89 -2.56 18.53
CA ALA B 181 -31.90 -2.68 20.01
C ALA B 181 -30.94 -1.68 20.62
N SER B 182 -29.83 -1.43 19.92
CA SER B 182 -28.85 -0.40 20.32
C SER B 182 -28.39 0.30 19.04
N LEU B 183 -27.88 1.53 19.19
CA LEU B 183 -27.52 2.31 18.01
C LEU B 183 -26.13 2.92 18.05
N GLY B 184 -25.30 2.52 19.01
CA GLY B 184 -23.96 3.08 19.18
C GLY B 184 -23.06 2.91 17.95
N HIS B 185 -23.30 1.84 17.17
CA HIS B 185 -22.52 1.52 15.97
C HIS B 185 -22.85 2.46 14.80
N LYS B 186 -23.76 3.40 14.99
CA LYS B 186 -24.11 4.34 13.94
C LYS B 186 -23.34 5.66 14.09
N ALA B 187 -22.62 5.85 15.22
CA ALA B 187 -21.83 7.08 15.40
C ALA B 187 -20.57 7.07 14.56
N ASN B 188 -20.39 8.13 13.75
CA ASN B 188 -19.24 8.30 12.87
C ASN B 188 -18.05 8.89 13.59
N HIS B 189 -16.88 8.77 12.96
CA HIS B 189 -15.63 9.25 13.52
C HIS B 189 -15.47 10.74 13.25
N SER B 190 -14.84 11.49 14.18
CA SER B 190 -14.37 12.85 13.98
C SER B 190 -13.10 13.05 14.79
N PHE B 191 -12.15 13.85 14.26
CA PHE B 191 -10.98 14.28 15.02
C PHE B 191 -11.33 15.43 15.96
N THR B 192 -12.56 15.99 15.83
CA THR B 192 -13.07 17.01 16.76
C THR B 192 -14.40 16.42 17.25
N PRO B 193 -14.36 15.33 18.06
CA PRO B 193 -15.63 14.68 18.43
C PRO B 193 -16.44 15.44 19.48
N ASN B 194 -17.72 15.10 19.63
CA ASN B 194 -18.47 15.72 20.72
C ASN B 194 -18.83 14.66 21.78
N CYS B 195 -18.40 13.36 21.57
CA CYS B 195 -18.68 12.22 22.43
C CYS B 195 -17.44 11.37 22.59
N ILE B 196 -17.52 10.41 23.51
CA ILE B 196 -16.50 9.39 23.77
C ILE B 196 -17.21 8.05 24.00
N TYR B 197 -16.45 6.94 23.84
CA TYR B 197 -16.97 5.63 24.23
C TYR B 197 -16.61 5.47 25.71
N ASP B 198 -17.53 4.91 26.47
CA ASP B 198 -17.29 4.70 27.89
C ASP B 198 -17.84 3.32 28.25
N MET B 199 -17.42 2.73 29.37
CA MET B 199 -17.93 1.43 29.83
C MET B 199 -19.38 1.58 30.21
N PHE B 200 -20.16 0.49 30.09
CA PHE B 200 -21.56 0.55 30.49
C PHE B 200 -22.06 -0.80 30.98
N VAL B 201 -22.79 -0.81 32.12
CA VAL B 201 -23.39 -2.04 32.64
C VAL B 201 -24.88 -1.97 32.36
N HIS B 202 -25.34 -2.73 31.36
CA HIS B 202 -26.71 -2.66 30.89
C HIS B 202 -27.56 -3.84 31.39
N PRO B 203 -28.81 -3.58 31.83
CA PRO B 203 -29.65 -4.65 32.40
C PRO B 203 -30.07 -5.70 31.36
N ARG B 204 -30.07 -5.30 30.09
CA ARG B 204 -30.43 -6.16 28.95
C ARG B 204 -29.18 -6.71 28.25
N PHE B 205 -28.25 -5.83 27.91
CA PHE B 205 -27.06 -6.16 27.14
C PHE B 205 -25.89 -6.70 27.93
N GLY B 206 -25.90 -6.50 29.25
CA GLY B 206 -24.79 -6.94 30.09
C GLY B 206 -23.69 -5.90 30.01
N PRO B 207 -22.43 -6.28 30.29
CA PRO B 207 -21.32 -5.29 30.19
C PRO B 207 -20.97 -4.95 28.75
N ILE B 208 -21.16 -3.67 28.38
CA ILE B 208 -20.92 -3.17 27.01
C ILE B 208 -20.21 -1.83 27.10
N LYS B 209 -20.29 -1.05 26.02
CA LYS B 209 -19.81 0.32 25.98
C LYS B 209 -20.97 1.23 25.64
N CYS B 210 -20.81 2.52 25.89
CA CYS B 210 -21.85 3.47 25.60
C CYS B 210 -21.20 4.67 24.95
N ILE B 211 -22.02 5.54 24.44
CA ILE B 211 -21.58 6.80 23.88
C ILE B 211 -21.99 7.87 24.90
N ARG B 212 -21.01 8.66 25.37
CA ARG B 212 -21.20 9.72 26.35
C ARG B 212 -20.77 11.08 25.78
N THR B 213 -21.60 12.13 25.93
CA THR B 213 -21.18 13.45 25.41
C THR B 213 -19.91 13.96 26.15
N LEU B 214 -19.10 14.79 25.49
CA LEU B 214 -17.91 15.41 26.07
C LEU B 214 -18.18 16.90 26.35
N ARG B 215 -19.27 17.44 25.76
CA ARG B 215 -19.70 18.84 25.88
C ARG B 215 -21.20 18.93 25.79
N ALA B 216 -21.78 20.14 26.02
CA ALA B 216 -23.21 20.37 25.82
C ALA B 216 -23.49 20.10 24.33
N VAL B 217 -24.56 19.38 24.03
CA VAL B 217 -24.86 19.10 22.62
C VAL B 217 -26.30 19.57 22.38
N GLU B 218 -26.53 20.31 21.26
N GLU B 218 -26.53 20.29 21.26
CA GLU B 218 -27.89 20.78 20.94
CA GLU B 218 -27.86 20.79 20.89
C GLU B 218 -28.65 19.71 20.12
C GLU B 218 -28.62 19.75 20.07
N ALA B 219 -29.98 19.86 20.03
CA ALA B 219 -30.83 18.93 19.28
C ALA B 219 -30.45 19.00 17.80
N ASP B 220 -30.40 17.81 17.18
CA ASP B 220 -30.16 17.58 15.77
C ASP B 220 -28.71 17.74 15.35
N GLU B 221 -27.79 17.81 16.32
CA GLU B 221 -26.36 17.77 16.05
C GLU B 221 -26.00 16.30 15.78
N GLU B 222 -25.02 16.07 14.91
CA GLU B 222 -24.53 14.70 14.71
C GLU B 222 -23.62 14.37 15.89
N LEU B 223 -23.75 13.15 16.40
CA LEU B 223 -22.89 12.68 17.47
C LEU B 223 -21.70 11.96 16.85
N THR B 224 -20.48 12.39 17.24
CA THR B 224 -19.25 11.79 16.69
C THR B 224 -18.29 11.42 17.82
N VAL B 225 -17.41 10.46 17.57
CA VAL B 225 -16.43 9.96 18.55
C VAL B 225 -15.10 9.87 17.83
N ALA B 226 -13.96 10.03 18.53
CA ALA B 226 -12.68 9.83 17.85
C ALA B 226 -12.40 8.31 17.88
N TYR B 227 -12.36 7.65 16.72
CA TYR B 227 -12.10 6.20 16.65
C TYR B 227 -10.71 5.87 17.19
N GLY B 228 -10.57 4.66 17.72
CA GLY B 228 -9.31 4.22 18.30
C GLY B 228 -8.46 3.42 17.34
N TYR B 229 -7.64 4.12 16.58
CA TYR B 229 -6.64 3.52 15.70
C TYR B 229 -5.36 4.13 16.19
N ASP B 230 -4.36 3.31 16.50
CA ASP B 230 -3.07 3.80 17.03
C ASP B 230 -2.24 4.52 15.97
N GLU B 240 -2.08 -0.34 11.55
CA GLU B 240 -2.79 0.17 10.38
C GLU B 240 -4.16 0.80 10.74
N ALA B 241 -4.87 1.35 9.72
CA ALA B 241 -6.16 2.02 9.85
C ALA B 241 -6.85 1.98 8.47
N PRO B 242 -8.22 1.99 8.39
CA PRO B 242 -8.87 1.98 7.06
C PRO B 242 -8.52 3.21 6.25
N GLU B 243 -8.63 3.09 4.91
CA GLU B 243 -8.26 4.18 4.01
C GLU B 243 -8.99 5.43 4.27
N TRP B 244 -10.32 5.34 4.51
CA TRP B 244 -11.15 6.52 4.76
C TRP B 244 -10.60 7.35 5.92
N TYR B 245 -10.03 6.67 6.91
CA TYR B 245 -9.46 7.28 8.12
C TYR B 245 -8.13 7.90 7.78
N GLN B 246 -7.30 7.18 7.00
CA GLN B 246 -5.99 7.72 6.58
C GLN B 246 -6.21 9.00 5.77
N VAL B 247 -7.26 9.02 4.92
CA VAL B 247 -7.61 10.18 4.07
C VAL B 247 -8.08 11.34 4.95
N GLU B 248 -9.00 11.04 5.88
CA GLU B 248 -9.52 12.06 6.79
C GLU B 248 -8.42 12.64 7.68
N LEU B 249 -7.51 11.80 8.17
CA LEU B 249 -6.40 12.28 8.98
C LEU B 249 -5.53 13.31 8.23
N LYS B 250 -5.16 13.00 6.98
CA LYS B 250 -4.38 13.92 6.14
C LYS B 250 -5.16 15.20 5.87
N ALA B 251 -6.48 15.09 5.56
CA ALA B 251 -7.32 16.28 5.31
C ALA B 251 -7.42 17.13 6.57
N PHE B 252 -7.65 16.50 7.75
CA PHE B 252 -7.71 17.18 9.03
C PHE B 252 -6.40 17.89 9.35
N GLN B 253 -5.25 17.19 9.21
CA GLN B 253 -3.92 17.74 9.47
C GLN B 253 -3.67 18.98 8.59
N ALA B 254 -4.03 18.89 7.29
CA ALA B 254 -3.90 19.98 6.32
C ALA B 254 -4.79 21.19 6.68
N THR B 255 -5.98 20.96 7.31
CA THR B 255 -6.87 22.06 7.71
C THR B 255 -6.42 22.80 8.99
N GLN B 256 -5.55 22.19 9.83
CA GLN B 256 -5.10 22.83 11.06
C GLN B 256 -4.20 24.01 10.79
N GLN B 257 -4.60 25.21 11.28
CA GLN B 257 -3.81 26.44 11.13
C GLN B 257 -2.61 26.34 12.07
N LYS B 258 -1.45 26.76 11.60
CA LYS B 258 -0.25 26.71 12.42
C LYS B 258 0.35 28.08 12.60
N HIS B 259 1.14 28.24 13.68
CA HIS B 259 1.90 29.45 13.88
C HIS B 259 3.01 29.39 12.82
N HIS B 260 3.32 30.54 12.20
CA HIS B 260 4.35 30.58 11.17
C HIS B 260 5.59 31.29 11.71
N HIS B 261 6.76 30.66 11.54
CA HIS B 261 8.04 31.17 12.02
C HIS B 261 8.68 32.17 11.05
N GLY C 9 -8.03 41.68 -12.17
CA GLY C 9 -6.63 41.76 -12.54
C GLY C 9 -5.87 40.44 -12.49
N VAL C 10 -5.06 40.17 -13.55
CA VAL C 10 -4.23 38.96 -13.66
C VAL C 10 -2.85 39.20 -13.04
N CYS C 11 -2.44 38.31 -12.13
N CYS C 11 -2.44 38.30 -12.13
CA CYS C 11 -1.15 38.34 -11.48
CA CYS C 11 -1.16 38.32 -11.45
C CYS C 11 -0.26 37.20 -11.99
C CYS C 11 -0.26 37.20 -11.97
N TRP C 12 1.02 37.52 -12.28
CA TRP C 12 2.01 36.53 -12.70
C TRP C 12 3.12 36.63 -11.65
N ILE C 13 3.44 35.51 -10.95
CA ILE C 13 4.53 35.52 -9.95
C ILE C 13 5.64 34.63 -10.49
N TYR C 14 6.78 35.21 -10.86
CA TYR C 14 7.91 34.42 -11.36
C TYR C 14 8.85 34.07 -10.24
N TYR C 15 9.18 32.78 -10.13
CA TYR C 15 10.14 32.29 -9.15
C TYR C 15 11.54 32.56 -9.68
N PRO C 16 12.57 32.68 -8.79
CA PRO C 16 13.95 32.82 -9.29
C PRO C 16 14.36 31.72 -10.28
N ASP C 17 13.76 30.50 -10.14
CA ASP C 17 14.09 29.36 -11.02
C ASP C 17 13.47 29.42 -12.46
N GLY C 18 12.60 30.39 -12.75
CA GLY C 18 12.00 30.54 -14.07
C GLY C 18 10.54 30.08 -14.16
N GLY C 19 10.13 29.27 -13.18
CA GLY C 19 8.75 28.81 -13.07
C GLY C 19 7.88 29.97 -12.61
N SER C 20 6.55 29.85 -12.80
CA SER C 20 5.65 30.92 -12.39
C SER C 20 4.26 30.43 -11.99
N LEU C 21 3.52 31.27 -11.25
CA LEU C 21 2.12 31.06 -10.91
C LEU C 21 1.40 32.20 -11.60
N VAL C 22 0.29 31.88 -12.26
CA VAL C 22 -0.50 32.90 -12.95
C VAL C 22 -1.98 32.70 -12.74
N GLY C 23 -2.68 33.80 -12.55
CA GLY C 23 -4.13 33.78 -12.44
C GLY C 23 -4.70 35.08 -11.94
N GLU C 24 -6.02 35.17 -12.04
CA GLU C 24 -6.78 36.31 -11.55
C GLU C 24 -6.85 36.15 -10.03
N VAL C 25 -6.38 37.16 -9.26
CA VAL C 25 -6.47 37.13 -7.80
C VAL C 25 -7.94 37.29 -7.39
N ASN C 26 -8.32 36.74 -6.23
CA ASN C 26 -9.70 36.85 -5.74
C ASN C 26 -9.92 38.16 -4.95
N GLU C 27 -11.10 38.32 -4.31
CA GLU C 27 -11.49 39.50 -3.53
C GLU C 27 -10.60 39.76 -2.31
N ASP C 28 -9.87 38.74 -1.84
CA ASP C 28 -8.95 38.84 -0.70
C ASP C 28 -7.49 38.96 -1.16
N GLY C 29 -7.29 39.25 -2.45
CA GLY C 29 -5.96 39.40 -3.05
C GLY C 29 -5.10 38.15 -3.04
N GLU C 30 -5.70 36.96 -3.17
CA GLU C 30 -4.94 35.69 -3.13
C GLU C 30 -5.03 34.89 -4.44
N MET C 31 -4.04 34.01 -4.69
CA MET C 31 -4.02 33.13 -5.86
C MET C 31 -4.96 31.94 -5.59
N THR C 32 -6.26 32.21 -5.46
CA THR C 32 -7.33 31.25 -5.18
C THR C 32 -8.39 31.29 -6.27
N GLY C 33 -8.68 30.11 -6.83
CA GLY C 33 -9.69 29.98 -7.88
C GLY C 33 -9.60 28.69 -8.67
N GLU C 34 -10.44 28.59 -9.71
CA GLU C 34 -10.53 27.42 -10.58
C GLU C 34 -9.74 27.58 -11.88
N LYS C 35 -9.20 28.79 -12.12
CA LYS C 35 -8.49 29.08 -13.36
C LYS C 35 -7.07 29.60 -13.13
N ILE C 36 -6.37 28.98 -12.15
CA ILE C 36 -5.00 29.32 -11.79
C ILE C 36 -4.05 28.33 -12.43
N ALA C 37 -2.84 28.78 -12.76
CA ALA C 37 -1.89 27.85 -13.34
C ALA C 37 -0.51 28.05 -12.81
N TYR C 38 0.24 26.95 -12.79
CA TYR C 38 1.66 26.94 -12.57
C TYR C 38 2.22 26.73 -13.97
N VAL C 39 3.20 27.52 -14.35
CA VAL C 39 3.82 27.40 -15.66
C VAL C 39 5.29 27.07 -15.40
N TYR C 40 5.75 26.02 -16.02
CA TYR C 40 7.13 25.54 -15.87
C TYR C 40 8.16 26.53 -16.47
N PRO C 41 9.49 26.33 -16.25
CA PRO C 41 10.48 27.30 -16.77
C PRO C 41 10.50 27.45 -18.29
N ASP C 42 9.89 26.50 -19.03
CA ASP C 42 9.84 26.63 -20.48
C ASP C 42 8.83 27.67 -20.95
N GLU C 43 7.99 28.24 -20.03
CA GLU C 43 6.94 29.23 -20.32
C GLU C 43 5.89 28.68 -21.31
N ARG C 44 5.69 27.36 -21.32
CA ARG C 44 4.69 26.70 -22.17
C ARG C 44 3.99 25.56 -21.42
N THR C 45 4.75 24.72 -20.71
CA THR C 45 4.17 23.57 -19.98
C THR C 45 3.51 24.11 -18.70
N ALA C 46 2.22 23.79 -18.53
CA ALA C 46 1.45 24.32 -17.40
C ALA C 46 0.60 23.32 -16.67
N LEU C 47 0.32 23.63 -15.39
CA LEU C 47 -0.59 22.82 -14.58
C LEU C 47 -1.69 23.77 -14.20
N TYR C 48 -2.85 23.61 -14.87
CA TYR C 48 -3.96 24.52 -14.80
C TYR C 48 -5.16 23.98 -14.02
N GLY C 49 -5.76 24.83 -13.20
CA GLY C 49 -6.93 24.40 -12.45
C GLY C 49 -7.13 25.04 -11.11
N LYS C 50 -7.51 24.21 -10.13
CA LYS C 50 -7.88 24.66 -8.80
C LYS C 50 -6.68 24.83 -7.88
N PHE C 51 -6.51 26.08 -7.40
CA PHE C 51 -5.44 26.46 -6.47
C PHE C 51 -6.06 27.25 -5.33
N ILE C 52 -5.49 27.11 -4.12
CA ILE C 52 -5.96 27.83 -2.93
C ILE C 52 -4.73 28.51 -2.32
N ASP C 53 -4.68 29.85 -2.38
CA ASP C 53 -3.57 30.67 -1.88
C ASP C 53 -2.22 30.22 -2.48
N GLY C 54 -2.21 30.05 -3.80
CA GLY C 54 -1.03 29.62 -4.55
C GLY C 54 -0.67 28.15 -4.41
N GLU C 55 -1.50 27.37 -3.67
CA GLU C 55 -1.26 25.95 -3.46
C GLU C 55 -2.09 25.12 -4.46
N MET C 56 -1.43 24.27 -5.27
CA MET C 56 -2.12 23.44 -6.27
C MET C 56 -3.00 22.34 -5.64
N ILE C 57 -4.31 22.44 -5.89
CA ILE C 57 -5.27 21.46 -5.35
C ILE C 57 -5.58 20.46 -6.43
N GLU C 58 -5.80 20.94 -7.66
CA GLU C 58 -6.13 20.12 -8.82
C GLU C 58 -5.60 20.79 -10.10
N GLY C 59 -4.35 20.47 -10.47
CA GLY C 59 -3.71 21.02 -11.64
C GLY C 59 -3.77 20.05 -12.80
N LYS C 60 -4.31 20.47 -13.94
CA LYS C 60 -4.37 19.58 -15.10
C LYS C 60 -3.32 19.99 -16.09
N LEU C 61 -2.72 19.03 -16.81
CA LEU C 61 -1.70 19.37 -17.80
C LEU C 61 -2.29 20.27 -18.91
N ALA C 62 -1.59 21.34 -19.21
CA ALA C 62 -2.03 22.30 -20.24
C ALA C 62 -0.84 22.90 -20.94
N THR C 63 -1.09 23.56 -22.06
CA THR C 63 -0.06 24.32 -22.78
C THR C 63 -0.47 25.81 -22.81
N LEU C 64 0.47 26.72 -22.49
CA LEU C 64 0.27 28.16 -22.58
C LEU C 64 0.39 28.50 -24.07
N MET C 65 -0.74 28.76 -24.74
CA MET C 65 -0.75 29.03 -26.20
C MET C 65 -0.29 30.45 -26.55
N SER C 66 -0.76 31.43 -25.75
CA SER C 66 -0.50 32.85 -26.01
C SER C 66 -0.93 33.68 -24.80
N THR C 67 -0.56 34.97 -24.81
CA THR C 67 -0.90 35.94 -23.77
CA THR C 67 -0.90 35.95 -23.78
C THR C 67 -1.42 37.23 -24.44
N GLU C 68 -2.55 37.76 -23.95
CA GLU C 68 -3.18 38.96 -24.48
C GLU C 68 -3.28 39.98 -23.36
N GLU C 69 -2.43 41.03 -23.37
CA GLU C 69 -2.43 42.07 -22.32
C GLU C 69 -2.25 41.44 -20.93
N GLY C 70 -1.34 40.46 -20.85
CA GLY C 70 -1.08 39.72 -19.63
C GLY C 70 -2.08 38.63 -19.30
N ARG C 71 -3.14 38.48 -20.09
CA ARG C 71 -4.14 37.41 -19.87
C ARG C 71 -3.73 36.15 -20.65
N PRO C 72 -3.38 35.06 -19.95
CA PRO C 72 -2.92 33.86 -20.66
C PRO C 72 -4.06 33.04 -21.30
N HIS C 73 -3.75 32.27 -22.36
CA HIS C 73 -4.71 31.37 -23.00
C HIS C 73 -4.17 29.94 -22.92
N PHE C 74 -4.84 29.05 -22.19
CA PHE C 74 -4.39 27.65 -22.03
C PHE C 74 -5.20 26.64 -22.84
N GLU C 75 -4.50 25.65 -23.45
CA GLU C 75 -5.10 24.50 -24.12
C GLU C 75 -4.81 23.28 -23.23
N LEU C 76 -5.87 22.60 -22.77
CA LEU C 76 -5.76 21.44 -21.90
C LEU C 76 -5.28 20.21 -22.70
N MET C 77 -4.48 19.35 -22.05
CA MET C 77 -3.97 18.11 -22.64
C MET C 77 -4.77 16.96 -21.97
N PRO C 78 -5.99 16.60 -22.49
CA PRO C 78 -6.84 15.64 -21.78
C PRO C 78 -6.34 14.20 -21.72
N GLY C 79 -6.83 13.49 -20.69
CA GLY C 79 -6.55 12.08 -20.46
C GLY C 79 -5.43 11.79 -19.48
N ASN C 80 -4.61 12.80 -19.19
CA ASN C 80 -3.49 12.68 -18.28
C ASN C 80 -3.99 12.70 -16.81
N SER C 81 -3.08 12.39 -15.87
CA SER C 81 -3.45 12.38 -14.46
C SER C 81 -3.56 13.82 -13.95
N VAL C 82 -4.08 13.93 -12.74
CA VAL C 82 -4.26 15.20 -12.04
CA VAL C 82 -4.19 15.23 -12.09
C VAL C 82 -3.05 15.37 -11.11
N TYR C 83 -2.58 16.61 -10.90
CA TYR C 83 -1.47 16.88 -9.99
C TYR C 83 -1.93 17.75 -8.83
N HIS C 84 -1.31 17.59 -7.67
CA HIS C 84 -1.64 18.38 -6.50
C HIS C 84 -0.39 18.59 -5.66
N PHE C 85 -0.40 19.63 -4.82
CA PHE C 85 0.72 19.87 -3.91
C PHE C 85 0.85 18.62 -3.05
N ASP C 86 2.05 18.02 -3.05
CA ASP C 86 2.24 16.74 -2.38
C ASP C 86 3.63 16.68 -1.72
N LYS C 87 3.96 17.67 -0.87
CA LYS C 87 5.27 17.73 -0.20
C LYS C 87 5.57 16.46 0.57
N SER C 88 6.79 15.94 0.39
CA SER C 88 7.22 14.75 1.12
C SER C 88 7.42 15.07 2.61
N THR C 89 7.53 14.02 3.44
CA THR C 89 7.82 14.09 4.87
C THR C 89 9.09 13.26 5.05
N SER C 90 9.44 12.88 6.30
CA SER C 90 10.60 12.05 6.59
C SER C 90 10.40 10.60 6.17
N SER C 91 9.13 10.13 6.15
CA SER C 91 8.71 8.75 5.83
C SER C 91 7.95 8.58 4.50
N CYS C 92 7.25 9.61 4.02
CA CYS C 92 6.50 9.48 2.76
C CYS C 92 7.18 10.28 1.66
N ILE C 93 7.52 9.61 0.55
CA ILE C 93 8.19 10.25 -0.59
C ILE C 93 7.19 10.95 -1.53
N SER C 94 5.99 10.39 -1.67
CA SER C 94 4.97 10.85 -2.61
C SER C 94 3.70 10.07 -2.36
N THR C 95 2.57 10.66 -2.66
CA THR C 95 1.27 9.99 -2.57
C THR C 95 1.06 9.17 -3.88
N ASN C 96 1.74 9.57 -4.96
CA ASN C 96 1.59 8.87 -6.25
C ASN C 96 2.97 8.73 -6.87
N ALA C 97 3.78 7.81 -6.30
CA ALA C 97 5.19 7.56 -6.65
C ALA C 97 5.40 7.23 -8.13
N LEU C 98 4.37 6.62 -8.78
CA LEU C 98 4.50 6.21 -10.18
C LEU C 98 4.00 7.22 -11.21
N LEU C 99 3.57 8.41 -10.77
CA LEU C 99 3.12 9.44 -11.70
C LEU C 99 4.33 10.33 -12.04
N PRO C 100 4.87 10.28 -13.29
CA PRO C 100 6.04 11.13 -13.59
C PRO C 100 5.71 12.61 -13.67
N ASP C 101 6.75 13.42 -13.70
CA ASP C 101 6.53 14.86 -13.85
C ASP C 101 6.45 15.10 -15.36
N PRO C 102 5.46 15.88 -15.87
CA PRO C 102 5.32 16.03 -17.35
C PRO C 102 6.42 16.84 -18.03
N TYR C 103 6.96 17.84 -17.35
CA TYR C 103 8.04 18.68 -17.90
C TYR C 103 9.33 17.82 -17.98
N GLU C 104 9.62 17.10 -16.88
CA GLU C 104 10.81 16.25 -16.79
C GLU C 104 10.76 15.13 -17.84
N SER C 105 9.56 14.55 -18.08
CA SER C 105 9.34 13.49 -19.03
CA SER C 105 9.43 13.46 -19.02
C SER C 105 9.68 13.87 -20.47
N GLU C 106 9.50 15.14 -20.82
CA GLU C 106 9.80 15.63 -22.19
C GLU C 106 11.31 15.80 -22.38
N ARG C 107 12.06 15.98 -21.27
CA ARG C 107 13.48 16.33 -21.35
C ARG C 107 14.48 15.29 -21.00
N VAL C 108 14.09 14.26 -20.23
CA VAL C 108 15.09 13.27 -19.75
C VAL C 108 14.56 11.84 -19.72
N TYR C 109 15.47 10.88 -19.72
CA TYR C 109 15.16 9.46 -19.57
C TYR C 109 16.27 8.76 -18.79
N VAL C 110 15.94 7.63 -18.22
CA VAL C 110 16.86 6.80 -17.44
C VAL C 110 17.27 5.64 -18.31
N ALA C 111 18.57 5.31 -18.36
CA ALA C 111 19.09 4.18 -19.13
C ALA C 111 20.39 3.75 -18.47
N GLU C 112 21.01 2.65 -18.92
CA GLU C 112 22.33 2.29 -18.38
C GLU C 112 23.29 3.49 -18.57
N SER C 113 24.06 3.86 -17.53
CA SER C 113 25.03 4.96 -17.63
C SER C 113 26.11 4.62 -18.65
N LEU C 114 26.73 5.63 -19.24
CA LEU C 114 27.85 5.42 -20.18
C LEU C 114 29.13 5.18 -19.38
N ILE C 115 29.05 5.41 -18.05
CA ILE C 115 30.17 5.16 -17.16
C ILE C 115 30.06 3.67 -16.76
N SER C 116 31.08 2.87 -17.02
CA SER C 116 31.04 1.45 -16.65
C SER C 116 30.98 1.30 -15.11
N SER C 117 30.19 0.33 -14.64
CA SER C 117 29.98 -0.02 -13.22
C SER C 117 29.38 1.14 -12.39
N ALA C 118 28.64 2.05 -13.06
CA ALA C 118 28.00 3.19 -12.39
C ALA C 118 26.45 3.05 -12.38
N GLY C 119 25.95 1.84 -12.66
CA GLY C 119 24.52 1.55 -12.70
C GLY C 119 23.78 2.35 -13.76
N GLU C 120 22.63 2.96 -13.38
CA GLU C 120 21.82 3.77 -14.27
C GLU C 120 22.28 5.22 -14.25
N GLY C 121 21.95 5.94 -15.32
CA GLY C 121 22.28 7.34 -15.52
C GLY C 121 21.08 8.06 -16.09
N LEU C 122 21.16 9.39 -16.14
CA LEU C 122 20.11 10.27 -16.63
C LEU C 122 20.60 10.83 -17.94
N PHE C 123 19.73 10.80 -18.98
CA PHE C 123 20.10 11.27 -20.31
C PHE C 123 19.12 12.32 -20.81
N SER C 124 19.61 13.18 -21.70
CA SER C 124 18.79 14.22 -22.30
C SER C 124 18.00 13.59 -23.47
N LYS C 125 16.70 13.89 -23.55
CA LYS C 125 15.84 13.43 -24.64
C LYS C 125 15.96 14.37 -25.83
N VAL C 126 16.25 15.64 -25.55
CA VAL C 126 16.28 16.73 -26.53
C VAL C 126 17.55 17.60 -26.44
N ALA C 127 17.83 18.38 -27.48
CA ALA C 127 18.93 19.35 -27.46
C ALA C 127 18.39 20.56 -26.72
N VAL C 128 19.18 21.11 -25.81
CA VAL C 128 18.81 22.27 -24.99
C VAL C 128 20.01 23.24 -24.91
N GLY C 129 19.72 24.49 -24.59
CA GLY C 129 20.74 25.49 -24.37
C GLY C 129 21.22 25.50 -22.92
N PRO C 130 22.19 26.38 -22.58
CA PRO C 130 22.67 26.44 -21.18
C PRO C 130 21.60 26.94 -20.23
N ASN C 131 21.76 26.67 -18.91
CA ASN C 131 20.84 27.11 -17.86
C ASN C 131 19.42 26.53 -18.02
N THR C 132 19.29 25.35 -18.64
CA THR C 132 17.98 24.71 -18.81
C THR C 132 17.69 23.74 -17.65
N VAL C 133 16.55 23.92 -16.98
CA VAL C 133 16.09 23.01 -15.93
C VAL C 133 15.68 21.73 -16.65
N MET C 134 16.32 20.59 -16.30
CA MET C 134 16.02 19.33 -16.96
C MET C 134 15.25 18.33 -16.12
N SER C 135 15.56 18.31 -14.82
CA SER C 135 15.04 17.26 -13.96
C SER C 135 14.85 17.77 -12.56
N PHE C 136 14.03 17.07 -11.78
CA PHE C 136 13.79 17.45 -10.40
C PHE C 136 14.36 16.44 -9.41
N TYR C 137 14.90 16.94 -8.30
CA TYR C 137 15.45 16.10 -7.25
C TYR C 137 14.55 16.18 -6.01
N ASN C 138 13.50 15.37 -5.99
CA ASN C 138 12.59 15.23 -4.87
C ASN C 138 12.98 13.96 -4.10
N GLY C 139 12.53 13.87 -2.85
CA GLY C 139 12.72 12.70 -2.00
C GLY C 139 12.22 12.97 -0.60
N VAL C 140 12.43 12.01 0.31
CA VAL C 140 12.05 12.16 1.73
C VAL C 140 12.97 13.22 2.36
N ARG C 141 12.47 13.94 3.38
CA ARG C 141 13.16 15.04 4.04
C ARG C 141 13.65 14.58 5.40
N ILE C 142 14.98 14.47 5.55
CA ILE C 142 15.62 13.99 6.77
C ILE C 142 16.64 15.04 7.19
N THR C 143 17.25 14.85 8.36
CA THR C 143 18.23 15.79 8.91
C THR C 143 19.66 15.40 8.50
N HIS C 144 20.57 16.39 8.53
CA HIS C 144 22.00 16.18 8.26
C HIS C 144 22.57 15.23 9.32
N GLN C 145 22.11 15.36 10.59
CA GLN C 145 22.53 14.53 11.73
C GLN C 145 22.30 13.04 11.48
N GLU C 146 21.10 12.68 10.99
CA GLU C 146 20.70 11.32 10.63
C GLU C 146 21.61 10.73 9.54
N VAL C 147 21.90 11.52 8.50
CA VAL C 147 22.74 11.11 7.38
C VAL C 147 24.17 10.84 7.93
N ASP C 148 24.70 11.81 8.74
CA ASP C 148 26.05 11.79 9.32
C ASP C 148 26.27 10.65 10.33
N SER C 149 25.19 10.21 11.01
CA SER C 149 25.21 9.16 12.03
C SER C 149 25.09 7.73 11.47
N ARG C 150 24.81 7.57 10.18
CA ARG C 150 24.66 6.23 9.61
C ARG C 150 25.74 5.97 8.56
N ASP C 151 25.86 4.70 8.10
CA ASP C 151 26.86 4.24 7.14
CA ASP C 151 26.85 4.23 7.12
C ASP C 151 26.74 4.93 5.77
N TRP C 152 27.90 5.12 5.08
CA TRP C 152 28.06 5.73 3.74
C TRP C 152 27.19 5.02 2.70
N ALA C 153 27.09 3.68 2.84
CA ALA C 153 26.35 2.78 1.96
C ALA C 153 24.86 3.16 1.83
N LEU C 154 24.32 3.84 2.85
CA LEU C 154 22.93 4.30 2.87
C LEU C 154 22.80 5.74 2.35
N ASN C 155 23.93 6.40 2.04
CA ASN C 155 23.95 7.82 1.64
C ASN C 155 24.33 8.08 0.18
N GLY C 156 23.94 7.19 -0.73
CA GLY C 156 24.24 7.41 -2.14
C GLY C 156 23.38 8.49 -2.78
N ASN C 157 22.13 8.62 -2.28
CA ASN C 157 21.12 9.55 -2.83
C ASN C 157 20.76 10.73 -1.91
N THR C 158 21.54 10.92 -0.86
CA THR C 158 21.28 12.01 0.08
C THR C 158 21.83 13.33 -0.46
N LEU C 159 20.93 14.23 -0.87
CA LEU C 159 21.30 15.56 -1.39
C LEU C 159 20.87 16.64 -0.43
N SER C 160 21.84 17.46 0.01
CA SER C 160 21.58 18.57 0.91
C SER C 160 20.66 19.60 0.26
N LEU C 161 19.58 20.00 0.95
CA LEU C 161 18.67 21.03 0.42
C LEU C 161 19.10 22.41 0.98
N ASP C 162 19.36 22.44 2.29
CA ASP C 162 19.80 23.61 3.06
C ASP C 162 20.51 23.09 4.32
N GLU C 163 20.83 23.98 5.28
CA GLU C 163 21.53 23.61 6.51
C GLU C 163 20.70 22.74 7.47
N GLU C 164 19.37 22.74 7.31
CA GLU C 164 18.47 21.97 8.14
C GLU C 164 18.04 20.62 7.51
N THR C 165 17.92 20.57 6.17
CA THR C 165 17.33 19.42 5.47
C THR C 165 18.20 18.77 4.40
N VAL C 166 18.08 17.45 4.34
CA VAL C 166 18.65 16.60 3.33
C VAL C 166 17.47 15.87 2.64
N ILE C 167 17.52 15.81 1.32
CA ILE C 167 16.51 15.12 0.49
C ILE C 167 17.11 13.75 0.18
N ASP C 168 16.39 12.65 0.48
CA ASP C 168 16.95 11.34 0.17
C ASP C 168 16.00 10.54 -0.72
N VAL C 169 16.56 9.60 -1.50
CA VAL C 169 15.75 8.66 -2.30
C VAL C 169 16.21 7.28 -1.80
N PRO C 170 15.69 6.85 -0.63
CA PRO C 170 16.14 5.58 -0.06
C PRO C 170 15.48 4.41 -0.77
N GLU C 171 15.97 3.21 -0.48
CA GLU C 171 15.40 1.94 -0.96
C GLU C 171 13.97 1.84 -0.38
N PRO C 172 12.96 1.38 -1.15
CA PRO C 172 13.01 0.81 -2.52
C PRO C 172 12.81 1.84 -3.63
N TYR C 173 12.80 3.14 -3.27
CA TYR C 173 12.49 4.23 -4.21
C TYR C 173 13.60 4.56 -5.20
N ASN C 174 14.78 3.93 -5.07
CA ASN C 174 15.90 4.14 -6.00
C ASN C 174 15.71 3.38 -7.36
N HIS C 175 14.61 2.60 -7.52
CA HIS C 175 14.30 1.88 -8.75
C HIS C 175 13.12 2.56 -9.46
N VAL C 176 13.22 2.83 -10.78
CA VAL C 176 12.17 3.57 -11.51
C VAL C 176 10.83 2.85 -11.47
N SER C 177 10.87 1.51 -11.26
CA SER C 177 9.66 0.69 -11.15
C SER C 177 8.91 0.97 -9.83
N LYS C 178 9.59 1.55 -8.83
CA LYS C 178 8.97 1.88 -7.53
C LYS C 178 8.74 3.38 -7.39
N TYR C 179 9.58 4.19 -8.03
CA TYR C 179 9.45 5.65 -7.93
C TYR C 179 9.95 6.31 -9.19
N CYS C 180 9.08 7.08 -9.89
CA CYS C 180 9.49 7.80 -11.08
C CYS C 180 8.89 9.24 -11.11
N ALA C 181 8.35 9.72 -9.96
CA ALA C 181 7.73 11.06 -9.89
C ALA C 181 8.77 12.15 -10.19
N SER C 182 10.04 11.92 -9.79
CA SER C 182 11.16 12.80 -10.09
C SER C 182 12.34 11.87 -10.44
N LEU C 183 13.31 12.36 -11.20
CA LEU C 183 14.40 11.50 -11.65
C LEU C 183 15.79 12.07 -11.43
N GLY C 184 15.91 13.17 -10.67
CA GLY C 184 17.18 13.84 -10.42
C GLY C 184 18.24 12.96 -9.78
N HIS C 185 17.79 11.98 -8.98
CA HIS C 185 18.64 11.02 -8.24
C HIS C 185 19.29 10.01 -9.14
N LYS C 186 19.02 10.05 -10.45
CA LYS C 186 19.58 9.12 -11.40
C LYS C 186 20.78 9.71 -12.11
N ALA C 187 21.06 11.02 -11.92
CA ALA C 187 22.21 11.65 -12.54
C ALA C 187 23.48 11.27 -11.82
N ASN C 188 24.44 10.73 -12.58
CA ASN C 188 25.73 10.32 -12.05
C ASN C 188 26.71 11.48 -11.92
N HIS C 189 27.82 11.21 -11.22
CA HIS C 189 28.89 12.17 -10.98
C HIS C 189 29.87 12.25 -12.16
N SER C 190 30.40 13.43 -12.41
CA SER C 190 31.53 13.67 -13.32
C SER C 190 32.33 14.84 -12.80
N PHE C 191 33.66 14.81 -13.01
CA PHE C 191 34.56 15.93 -12.69
C PHE C 191 34.56 16.97 -13.83
N THR C 192 33.91 16.63 -14.98
CA THR C 192 33.68 17.54 -16.13
C THR C 192 32.17 17.51 -16.33
N PRO C 193 31.39 18.01 -15.35
CA PRO C 193 29.92 17.89 -15.44
C PRO C 193 29.28 18.78 -16.51
N ASN C 194 28.06 18.42 -16.96
CA ASN C 194 27.39 19.33 -17.90
C ASN C 194 26.16 19.96 -17.22
N CYS C 195 25.92 19.62 -15.93
CA CYS C 195 24.79 20.12 -15.14
C CYS C 195 25.25 20.52 -13.73
N ILE C 196 24.35 21.20 -13.01
CA ILE C 196 24.53 21.56 -11.60
C ILE C 196 23.19 21.31 -10.91
N TYR C 197 23.25 21.20 -9.57
CA TYR C 197 22.02 21.11 -8.81
C TYR C 197 21.65 22.54 -8.50
N ASP C 198 20.37 22.89 -8.58
CA ASP C 198 19.98 24.28 -8.31
C ASP C 198 18.70 24.31 -7.50
N MET C 199 18.40 25.43 -6.85
CA MET C 199 17.14 25.58 -6.10
C MET C 199 15.95 25.53 -7.05
N PHE C 200 14.84 24.96 -6.58
CA PHE C 200 13.62 24.90 -7.35
C PHE C 200 12.38 24.88 -6.47
N VAL C 201 11.36 25.68 -6.84
CA VAL C 201 10.09 25.71 -6.12
C VAL C 201 9.07 25.00 -7.01
N HIS C 202 8.75 23.75 -6.65
CA HIS C 202 7.88 22.88 -7.46
C HIS C 202 6.41 22.89 -6.98
N PRO C 203 5.41 23.01 -7.88
CA PRO C 203 3.99 23.06 -7.41
C PRO C 203 3.50 21.76 -6.75
N ARG C 204 4.14 20.63 -7.07
CA ARG C 204 3.82 19.32 -6.48
C ARG C 204 4.74 18.98 -5.31
N PHE C 205 6.06 19.07 -5.51
CA PHE C 205 7.07 18.70 -4.54
C PHE C 205 7.43 19.75 -3.50
N GLY C 206 7.07 21.01 -3.75
CA GLY C 206 7.41 22.10 -2.86
C GLY C 206 8.87 22.52 -3.03
N PRO C 207 9.53 23.02 -1.99
CA PRO C 207 10.94 23.47 -2.15
C PRO C 207 11.90 22.28 -2.23
N ILE C 208 12.54 22.14 -3.40
CA ILE C 208 13.47 21.03 -3.66
C ILE C 208 14.69 21.56 -4.41
N LYS C 209 15.42 20.64 -5.04
CA LYS C 209 16.52 20.99 -5.93
C LYS C 209 16.19 20.43 -7.30
N CYS C 210 16.79 21.03 -8.35
CA CYS C 210 16.63 20.60 -9.73
C CYS C 210 18.03 20.39 -10.35
N ILE C 211 18.06 19.81 -11.56
CA ILE C 211 19.26 19.64 -12.36
C ILE C 211 19.11 20.64 -13.48
N ARG C 212 20.09 21.53 -13.60
CA ARG C 212 20.08 22.59 -14.59
C ARG C 212 21.34 22.47 -15.45
N THR C 213 21.20 22.56 -16.81
CA THR C 213 22.39 22.46 -17.67
C THR C 213 23.34 23.64 -17.41
N LEU C 214 24.64 23.41 -17.56
CA LEU C 214 25.67 24.44 -17.42
C LEU C 214 26.05 24.94 -18.80
N ARG C 215 25.77 24.11 -19.82
CA ARG C 215 26.14 24.42 -21.20
C ARG C 215 25.08 23.87 -22.13
N ALA C 216 25.22 24.13 -23.43
CA ALA C 216 24.30 23.56 -24.42
C ALA C 216 24.49 22.03 -24.36
N VAL C 217 23.41 21.28 -24.35
CA VAL C 217 23.47 19.81 -24.26
C VAL C 217 22.68 19.27 -25.43
N GLU C 218 23.21 18.24 -26.10
CA GLU C 218 22.56 17.61 -27.27
C GLU C 218 21.75 16.40 -26.82
N ALA C 219 20.82 15.95 -27.68
CA ALA C 219 19.97 14.79 -27.42
C ALA C 219 20.84 13.54 -27.22
N ASP C 220 20.47 12.70 -26.25
CA ASP C 220 21.11 11.43 -25.89
C ASP C 220 22.49 11.56 -25.20
N GLU C 221 22.90 12.78 -24.80
CA GLU C 221 24.11 12.95 -23.97
C GLU C 221 23.69 12.55 -22.57
N GLU C 222 24.61 11.98 -21.79
CA GLU C 222 24.32 11.68 -20.38
C GLU C 222 24.41 12.97 -19.59
N LEU C 223 23.52 13.15 -18.61
CA LEU C 223 23.52 14.33 -17.74
C LEU C 223 24.32 14.01 -16.47
N THR C 224 25.32 14.84 -16.17
CA THR C 224 26.21 14.62 -15.03
C THR C 224 26.37 15.88 -14.18
N VAL C 225 26.62 15.69 -12.89
CA VAL C 225 26.82 16.80 -11.95
C VAL C 225 28.08 16.49 -11.14
N ALA C 226 28.83 17.51 -10.72
CA ALA C 226 29.97 17.26 -9.83
C ALA C 226 29.38 17.08 -8.40
N TYR C 227 29.48 15.86 -7.82
CA TYR C 227 28.96 15.59 -6.47
C TYR C 227 29.75 16.38 -5.41
N GLY C 228 29.11 16.71 -4.29
CA GLY C 228 29.76 17.48 -3.23
C GLY C 228 30.29 16.65 -2.07
N TYR C 229 31.61 16.36 -2.07
CA TYR C 229 32.24 15.59 -0.99
C TYR C 229 33.30 16.40 -0.20
N ASP C 230 33.37 17.72 -0.40
CA ASP C 230 34.35 18.57 0.31
C ASP C 230 33.69 19.17 1.56
N HIS C 231 33.45 18.35 2.61
CA HIS C 231 32.80 18.86 3.83
C HIS C 231 33.55 18.56 5.16
N SER C 232 34.90 18.52 5.11
CA SER C 232 35.84 18.35 6.25
C SER C 232 37.28 18.22 5.77
N ALA C 241 34.87 10.57 1.55
CA ALA C 241 34.16 10.18 0.32
C ALA C 241 34.08 8.66 0.08
N PRO C 242 33.00 8.13 -0.55
CA PRO C 242 32.95 6.69 -0.80
C PRO C 242 34.04 6.21 -1.76
N GLU C 243 34.33 4.92 -1.72
CA GLU C 243 35.38 4.29 -2.50
C GLU C 243 35.24 4.48 -4.04
N TRP C 244 34.02 4.36 -4.61
CA TRP C 244 33.86 4.56 -6.07
C TRP C 244 34.35 5.98 -6.46
N TYR C 245 34.12 6.96 -5.58
CA TYR C 245 34.47 8.35 -5.81
C TYR C 245 35.98 8.56 -5.73
N GLN C 246 36.64 7.96 -4.70
CA GLN C 246 38.10 8.05 -4.55
C GLN C 246 38.75 7.40 -5.79
N VAL C 247 38.20 6.29 -6.25
CA VAL C 247 38.74 5.58 -7.43
C VAL C 247 38.55 6.44 -8.71
N GLU C 248 37.35 7.01 -8.94
CA GLU C 248 37.11 7.87 -10.09
C GLU C 248 38.03 9.12 -10.05
N LEU C 249 38.23 9.70 -8.85
CA LEU C 249 39.11 10.85 -8.68
C LEU C 249 40.55 10.54 -9.15
N LYS C 250 41.13 9.38 -8.76
CA LYS C 250 42.49 8.98 -9.20
C LYS C 250 42.49 8.72 -10.70
N ALA C 251 41.44 8.05 -11.22
CA ALA C 251 41.31 7.75 -12.66
C ALA C 251 41.27 9.09 -13.46
N PHE C 252 40.45 10.03 -13.01
CA PHE C 252 40.33 11.34 -13.63
C PHE C 252 41.66 12.10 -13.57
N GLN C 253 42.35 12.11 -12.41
CA GLN C 253 43.65 12.81 -12.28
C GLN C 253 44.71 12.21 -13.18
N ALA C 254 44.74 10.86 -13.24
CA ALA C 254 45.71 10.14 -14.08
C ALA C 254 45.47 10.43 -15.58
N THR C 255 44.24 10.74 -15.96
CA THR C 255 43.85 11.06 -17.33
C THR C 255 44.29 12.47 -17.77
N GLN C 256 44.41 13.44 -16.84
CA GLN C 256 44.73 14.82 -17.20
C GLN C 256 46.10 15.04 -17.79
N GLN C 257 46.17 15.76 -18.92
CA GLN C 257 47.43 16.11 -19.58
C GLN C 257 47.96 17.31 -18.82
N LYS C 258 49.26 17.38 -18.62
CA LYS C 258 49.88 18.47 -17.87
C LYS C 258 50.92 19.16 -18.71
N HIS C 259 51.32 20.37 -18.30
CA HIS C 259 52.43 21.06 -18.92
C HIS C 259 53.69 20.31 -18.52
N HIS C 260 54.66 20.16 -19.44
CA HIS C 260 55.92 19.49 -19.17
C HIS C 260 57.04 20.51 -19.04
N HIS C 261 57.77 20.47 -17.90
CA HIS C 261 58.91 21.36 -17.65
C HIS C 261 60.18 20.69 -18.17
N HIS D 8 47.10 -42.96 19.27
CA HIS D 8 45.69 -42.75 18.99
C HIS D 8 45.46 -42.55 17.49
N GLY D 9 44.21 -42.68 17.06
CA GLY D 9 43.84 -42.60 15.65
C GLY D 9 43.32 -41.29 15.11
N VAL D 10 43.13 -41.28 13.78
CA VAL D 10 42.62 -40.12 13.05
C VAL D 10 41.13 -40.30 12.85
N CYS D 11 40.35 -39.27 13.23
N CYS D 11 40.35 -39.28 13.23
CA CYS D 11 38.90 -39.26 13.06
CA CYS D 11 38.90 -39.29 13.10
C CYS D 11 38.45 -38.33 11.96
C CYS D 11 38.41 -38.31 12.03
N TRP D 12 37.48 -38.76 11.15
CA TRP D 12 36.87 -37.93 10.11
C TRP D 12 35.39 -37.88 10.49
N ILE D 13 34.82 -36.68 10.72
CA ILE D 13 33.38 -36.62 11.03
C ILE D 13 32.71 -35.86 9.92
N TYR D 14 31.91 -36.54 9.08
CA TYR D 14 31.23 -35.88 7.99
C TYR D 14 29.87 -35.37 8.44
N TYR D 15 29.55 -34.14 8.08
CA TYR D 15 28.23 -33.57 8.40
C TYR D 15 27.28 -33.94 7.25
N PRO D 16 25.94 -33.94 7.43
CA PRO D 16 25.05 -34.24 6.29
C PRO D 16 25.26 -33.33 5.09
N ASP D 17 25.76 -32.09 5.33
CA ASP D 17 25.99 -31.11 4.27
C ASP D 17 27.22 -31.37 3.40
N GLY D 18 28.03 -32.36 3.76
CA GLY D 18 29.24 -32.69 2.99
C GLY D 18 30.52 -32.16 3.60
N GLY D 19 30.39 -31.20 4.50
CA GLY D 19 31.54 -30.66 5.22
C GLY D 19 32.06 -31.69 6.21
N SER D 20 33.29 -31.50 6.72
CA SER D 20 33.87 -32.47 7.66
C SER D 20 34.92 -31.90 8.57
N LEU D 21 35.10 -32.57 9.71
CA LEU D 21 36.13 -32.26 10.69
C LEU D 21 37.10 -33.43 10.67
N VAL D 22 38.42 -33.15 10.64
CA VAL D 22 39.43 -34.22 10.60
C VAL D 22 40.64 -33.93 11.50
N GLY D 23 41.07 -34.95 12.23
CA GLY D 23 42.22 -34.81 13.11
C GLY D 23 42.41 -35.97 14.05
N GLU D 24 43.63 -36.07 14.55
CA GLU D 24 44.01 -37.07 15.55
C GLU D 24 43.21 -36.77 16.83
N VAL D 25 42.67 -37.79 17.49
CA VAL D 25 41.92 -37.54 18.72
C VAL D 25 42.84 -37.63 19.94
N ASN D 26 42.44 -36.99 21.05
CA ASN D 26 43.20 -37.03 22.30
C ASN D 26 42.86 -38.31 23.12
N GLU D 27 43.47 -38.46 24.31
CA GLU D 27 43.26 -39.60 25.21
C GLU D 27 41.79 -39.82 25.60
N ASP D 28 40.94 -38.78 25.44
CA ASP D 28 39.50 -38.81 25.73
C ASP D 28 38.66 -39.02 24.45
N GLY D 29 39.32 -39.24 23.32
CA GLY D 29 38.67 -39.45 22.03
C GLY D 29 38.08 -38.19 21.42
N GLU D 30 38.55 -37.00 21.88
CA GLU D 30 38.08 -35.70 21.42
C GLU D 30 39.04 -35.07 20.42
N MET D 31 38.48 -34.35 19.45
CA MET D 31 39.21 -33.64 18.41
C MET D 31 39.76 -32.31 18.93
N THR D 32 40.84 -32.42 19.70
CA THR D 32 41.54 -31.32 20.35
C THR D 32 42.99 -31.38 19.98
N GLY D 33 43.52 -30.29 19.49
CA GLY D 33 44.92 -30.21 19.07
C GLY D 33 45.17 -29.03 18.18
N GLU D 34 46.42 -28.91 17.70
CA GLU D 34 46.91 -27.82 16.84
C GLU D 34 46.89 -28.21 15.36
N LYS D 35 46.58 -29.47 15.07
CA LYS D 35 46.59 -29.99 13.70
C LYS D 35 45.25 -30.62 13.32
N ILE D 36 44.18 -29.90 13.64
CA ILE D 36 42.80 -30.33 13.32
C ILE D 36 42.34 -29.47 12.16
N ALA D 37 41.41 -29.96 11.38
CA ALA D 37 40.92 -29.18 10.28
C ALA D 37 39.43 -29.35 10.04
N TYR D 38 38.77 -28.27 9.60
CA TYR D 38 37.42 -28.32 9.06
C TYR D 38 37.69 -28.38 7.56
N VAL D 39 37.04 -29.31 6.84
CA VAL D 39 37.18 -29.43 5.38
C VAL D 39 35.81 -29.11 4.76
N TYR D 40 35.79 -28.16 3.83
CA TYR D 40 34.59 -27.74 3.13
C TYR D 40 33.99 -28.88 2.26
N PRO D 41 32.72 -28.78 1.84
CA PRO D 41 32.12 -29.86 1.03
C PRO D 41 32.86 -30.24 -0.27
N ASP D 42 33.81 -29.40 -0.75
CA ASP D 42 34.58 -29.72 -1.96
C ASP D 42 35.67 -30.73 -1.64
N GLU D 43 35.84 -31.06 -0.32
CA GLU D 43 36.83 -32.02 0.19
C GLU D 43 38.27 -31.60 -0.17
N ARG D 44 38.47 -30.27 -0.32
CA ARG D 44 39.76 -29.71 -0.73
C ARG D 44 40.13 -28.48 0.11
N THR D 45 39.21 -27.48 0.17
CA THR D 45 39.41 -26.22 0.91
C THR D 45 39.27 -26.54 2.38
N ALA D 46 40.23 -26.08 3.20
CA ALA D 46 40.20 -26.38 4.61
C ALA D 46 40.62 -25.24 5.51
N LEU D 47 40.18 -25.29 6.76
CA LEU D 47 40.56 -24.36 7.82
C LEU D 47 41.28 -25.22 8.82
N TYR D 48 42.60 -25.07 8.86
CA TYR D 48 43.50 -25.92 9.62
C TYR D 48 44.15 -25.21 10.78
N GLY D 49 44.27 -25.89 11.91
CA GLY D 49 44.88 -25.30 13.09
C GLY D 49 44.36 -25.80 14.43
N LYS D 50 44.16 -24.86 15.37
CA LYS D 50 43.74 -25.16 16.73
C LYS D 50 42.23 -25.35 16.88
N PHE D 51 41.86 -26.53 17.40
CA PHE D 51 40.45 -26.90 17.66
C PHE D 51 40.39 -27.53 19.06
N ILE D 52 39.22 -27.42 19.72
CA ILE D 52 38.96 -28.00 21.05
C ILE D 52 37.60 -28.70 20.93
N ASP D 53 37.57 -30.03 21.10
CA ASP D 53 36.33 -30.83 20.97
C ASP D 53 35.58 -30.52 19.65
N GLY D 54 36.36 -30.40 18.57
CA GLY D 54 35.87 -30.11 17.22
C GLY D 54 35.42 -28.68 16.99
N GLU D 55 35.66 -27.78 17.96
CA GLU D 55 35.28 -26.35 17.80
C GLU D 55 36.54 -25.56 17.38
N MET D 56 36.44 -24.80 16.28
CA MET D 56 37.54 -24.04 15.70
C MET D 56 37.98 -22.84 16.57
N ILE D 57 39.22 -22.86 17.07
CA ILE D 57 39.77 -21.78 17.90
C ILE D 57 40.58 -20.87 17.00
N GLU D 58 41.46 -21.46 16.19
CA GLU D 58 42.26 -20.67 15.24
C GLU D 58 42.55 -21.54 14.04
N GLY D 59 41.85 -21.27 12.95
CA GLY D 59 42.03 -22.00 11.70
C GLY D 59 42.58 -21.09 10.63
N LYS D 60 43.42 -21.65 9.78
CA LYS D 60 43.99 -20.88 8.67
C LYS D 60 43.65 -21.61 7.37
N LEU D 61 43.52 -20.85 6.26
CA LEU D 61 43.22 -21.45 4.96
C LEU D 61 44.28 -22.49 4.54
N ALA D 62 43.83 -23.71 4.17
CA ALA D 62 44.71 -24.79 3.74
C ALA D 62 44.06 -25.58 2.64
N THR D 63 44.85 -26.45 2.01
CA THR D 63 44.35 -27.33 0.95
C THR D 63 44.61 -28.77 1.38
N LEU D 64 43.57 -29.62 1.30
CA LEU D 64 43.71 -31.06 1.53
C LEU D 64 44.36 -31.62 0.25
N MET D 65 45.65 -31.94 0.35
CA MET D 65 46.48 -32.45 -0.77
C MET D 65 46.28 -33.91 -1.08
N SER D 66 46.23 -34.75 -0.04
CA SER D 66 46.10 -36.22 -0.19
C SER D 66 45.76 -36.83 1.16
N THR D 67 45.49 -38.13 1.14
CA THR D 67 45.18 -38.92 2.32
C THR D 67 45.86 -40.27 2.16
N GLU D 68 46.50 -40.77 3.22
CA GLU D 68 47.10 -42.09 3.24
C GLU D 68 46.62 -42.78 4.51
N GLU D 69 45.85 -43.89 4.35
CA GLU D 69 45.30 -44.70 5.46
C GLU D 69 44.53 -43.84 6.43
N GLY D 70 43.74 -42.91 5.89
CA GLY D 70 42.92 -42.02 6.68
C GLY D 70 43.65 -40.80 7.23
N ARG D 71 44.99 -40.75 7.07
CA ARG D 71 45.78 -39.63 7.58
C ARG D 71 45.89 -38.53 6.50
N PRO D 72 45.28 -37.35 6.74
CA PRO D 72 45.34 -36.30 5.72
C PRO D 72 46.68 -35.55 5.66
N HIS D 73 46.97 -34.96 4.51
CA HIS D 73 48.15 -34.13 4.34
C HIS D 73 47.66 -32.78 3.86
N PHE D 74 47.85 -31.75 4.69
CA PHE D 74 47.43 -30.38 4.40
C PHE D 74 48.60 -29.46 4.08
N GLU D 75 48.31 -28.43 3.26
CA GLU D 75 49.28 -27.38 2.95
C GLU D 75 48.63 -26.03 3.18
N LEU D 76 49.27 -25.18 4.01
CA LEU D 76 48.80 -23.82 4.30
C LEU D 76 48.89 -22.96 3.05
N MET D 77 47.84 -22.17 2.81
CA MET D 77 47.75 -21.30 1.63
C MET D 77 48.32 -19.92 1.93
N PRO D 78 48.67 -19.10 0.90
CA PRO D 78 49.21 -17.74 1.17
C PRO D 78 48.19 -16.84 1.83
N GLY D 79 48.67 -15.89 2.63
CA GLY D 79 47.81 -14.96 3.34
C GLY D 79 47.83 -15.14 4.84
N ASN D 80 47.41 -14.11 5.57
CA ASN D 80 47.44 -14.10 7.03
C ASN D 80 46.07 -14.16 7.69
N SER D 81 45.03 -14.41 6.90
CA SER D 81 43.70 -14.52 7.48
C SER D 81 43.62 -15.71 8.43
N VAL D 82 42.95 -15.46 9.57
CA VAL D 82 42.69 -16.44 10.61
CA VAL D 82 42.68 -16.44 10.61
C VAL D 82 41.18 -16.48 10.82
N TYR D 83 40.64 -17.65 11.13
CA TYR D 83 39.21 -17.84 11.35
C TYR D 83 38.96 -18.52 12.71
N HIS D 84 37.89 -18.14 13.37
CA HIS D 84 37.52 -18.76 14.65
C HIS D 84 36.00 -18.95 14.76
N PHE D 85 35.56 -19.85 15.65
CA PHE D 85 34.13 -20.07 15.89
C PHE D 85 33.57 -18.72 16.38
N ASP D 86 32.67 -18.13 15.57
CA ASP D 86 32.17 -16.78 15.79
C ASP D 86 30.65 -16.66 15.54
N LYS D 87 29.86 -17.53 16.17
CA LYS D 87 28.41 -17.57 16.02
C LYS D 87 27.81 -16.22 16.37
N SER D 88 26.89 -15.76 15.51
CA SER D 88 26.22 -14.48 15.71
C SER D 88 25.31 -14.53 16.98
N THR D 89 24.91 -13.36 17.44
CA THR D 89 23.93 -13.19 18.51
C THR D 89 22.78 -12.38 17.87
N SER D 90 21.86 -11.79 18.67
CA SER D 90 20.78 -10.99 18.14
C SER D 90 21.26 -9.59 17.70
N SER D 91 22.43 -9.13 18.23
CA SER D 91 22.97 -7.80 17.95
C SER D 91 24.30 -7.78 17.20
N CYS D 92 25.06 -8.89 17.22
CA CYS D 92 26.36 -8.98 16.55
C CYS D 92 26.30 -9.96 15.39
N ILE D 93 26.57 -9.50 14.15
CA ILE D 93 26.53 -10.37 12.97
C ILE D 93 27.81 -11.20 12.84
N SER D 94 28.97 -10.56 13.12
CA SER D 94 30.33 -11.12 13.01
C SER D 94 31.31 -10.23 13.77
N THR D 95 32.50 -10.78 14.14
CA THR D 95 33.60 -10.05 14.80
C THR D 95 34.44 -9.42 13.69
N ASN D 96 34.46 -10.05 12.50
CA ASN D 96 35.23 -9.59 11.34
C ASN D 96 34.29 -9.62 10.12
N ALA D 97 33.34 -8.68 10.11
CA ALA D 97 32.31 -8.50 9.09
C ALA D 97 32.84 -8.46 7.65
N LEU D 98 34.08 -7.97 7.46
CA LEU D 98 34.71 -7.81 6.15
C LEU D 98 35.71 -8.89 5.80
N LEU D 99 35.83 -9.94 6.65
CA LEU D 99 36.71 -11.07 6.36
C LEU D 99 35.86 -12.10 5.59
N PRO D 100 36.04 -12.22 4.26
CA PRO D 100 35.18 -13.15 3.51
C PRO D 100 35.42 -14.64 3.80
N ASP D 101 34.46 -15.48 3.42
CA ASP D 101 34.59 -16.93 3.54
C ASP D 101 35.38 -17.40 2.31
N PRO D 102 36.51 -18.13 2.48
CA PRO D 102 37.35 -18.49 1.31
C PRO D 102 36.70 -19.47 0.35
N TYR D 103 35.81 -20.31 0.86
CA TYR D 103 35.13 -21.28 0.00
C TYR D 103 34.17 -20.55 -0.93
N GLU D 104 33.41 -19.62 -0.35
CA GLU D 104 32.45 -18.77 -1.03
C GLU D 104 33.09 -17.91 -2.09
N SER D 105 34.28 -17.32 -1.78
CA SER D 105 35.04 -16.45 -2.69
CA SER D 105 35.03 -16.45 -2.68
C SER D 105 35.39 -17.14 -3.99
N GLU D 106 35.63 -18.45 -3.95
CA GLU D 106 35.97 -19.14 -5.18
C GLU D 106 34.73 -19.52 -6.00
N ARG D 107 33.53 -19.52 -5.38
CA ARG D 107 32.32 -19.98 -6.05
C ARG D 107 31.31 -18.90 -6.47
N VAL D 108 31.25 -17.79 -5.76
CA VAL D 108 30.24 -16.79 -6.08
C VAL D 108 30.81 -15.39 -6.11
N TYR D 109 30.07 -14.46 -6.72
CA TYR D 109 30.36 -13.02 -6.70
C TYR D 109 29.05 -12.25 -6.73
N VAL D 110 29.10 -11.01 -6.26
CA VAL D 110 27.97 -10.10 -6.20
C VAL D 110 28.10 -9.15 -7.37
N ALA D 111 26.99 -8.91 -8.08
CA ALA D 111 26.92 -7.95 -9.18
C ALA D 111 25.47 -7.52 -9.34
N GLU D 112 25.20 -6.54 -10.19
CA GLU D 112 23.84 -6.09 -10.48
C GLU D 112 23.05 -7.33 -10.98
N SER D 113 21.85 -7.54 -10.44
CA SER D 113 21.01 -8.67 -10.78
C SER D 113 20.63 -8.57 -12.26
N LEU D 114 20.26 -9.71 -12.86
CA LEU D 114 19.78 -9.71 -14.24
C LEU D 114 18.25 -9.47 -14.24
N ILE D 115 17.63 -9.52 -13.05
CA ILE D 115 16.21 -9.25 -12.87
C ILE D 115 16.13 -7.72 -12.68
N SER D 116 15.41 -7.01 -13.57
CA SER D 116 15.31 -5.54 -13.43
C SER D 116 14.58 -5.20 -12.12
N SER D 117 15.07 -4.15 -11.43
CA SER D 117 14.52 -3.67 -10.15
C SER D 117 14.81 -4.57 -8.95
N ALA D 118 15.64 -5.62 -9.11
CA ALA D 118 15.94 -6.51 -7.99
C ALA D 118 17.16 -6.07 -7.16
N GLY D 119 17.86 -5.02 -7.59
CA GLY D 119 19.07 -4.52 -6.92
C GLY D 119 20.24 -5.42 -7.29
N GLU D 120 21.04 -5.81 -6.28
CA GLU D 120 22.17 -6.73 -6.53
C GLU D 120 21.69 -8.18 -6.51
N GLY D 121 22.47 -9.05 -7.15
CA GLY D 121 22.24 -10.49 -7.18
C GLY D 121 23.52 -11.25 -6.89
N LEU D 122 23.40 -12.57 -6.70
CA LEU D 122 24.50 -13.51 -6.44
C LEU D 122 24.70 -14.36 -7.69
N PHE D 123 25.95 -14.42 -8.20
CA PHE D 123 26.27 -15.14 -9.43
C PHE D 123 27.30 -16.22 -9.21
N SER D 124 27.24 -17.28 -10.03
N SER D 124 27.24 -17.28 -10.03
CA SER D 124 28.22 -18.37 -9.97
CA SER D 124 28.22 -18.37 -9.97
C SER D 124 29.52 -17.89 -10.63
C SER D 124 29.52 -17.89 -10.63
N LYS D 125 30.64 -18.02 -9.92
CA LYS D 125 31.94 -17.64 -10.42
C LYS D 125 32.46 -18.73 -11.38
N VAL D 126 32.09 -19.98 -11.10
CA VAL D 126 32.54 -21.14 -11.89
C VAL D 126 31.39 -22.06 -12.25
N ALA D 127 31.59 -23.00 -13.17
CA ALA D 127 30.59 -23.98 -13.55
C ALA D 127 30.59 -25.04 -12.45
N VAL D 128 29.41 -25.43 -11.97
CA VAL D 128 29.29 -26.45 -10.93
C VAL D 128 28.21 -27.45 -11.34
N GLY D 129 28.24 -28.64 -10.72
CA GLY D 129 27.21 -29.64 -10.94
C GLY D 129 26.05 -29.44 -9.97
N PRO D 130 25.02 -30.33 -10.06
CA PRO D 130 23.89 -30.24 -9.13
C PRO D 130 24.30 -30.57 -7.70
N ASN D 131 23.49 -30.09 -6.72
CA ASN D 131 23.69 -30.34 -5.28
CA ASN D 131 23.69 -30.32 -5.28
C ASN D 131 25.02 -29.73 -4.76
N THR D 132 25.46 -28.59 -5.34
CA THR D 132 26.72 -27.95 -4.90
C THR D 132 26.46 -26.83 -3.93
N VAL D 133 27.12 -26.86 -2.75
CA VAL D 133 27.05 -25.73 -1.79
C VAL D 133 27.83 -24.57 -2.41
N MET D 134 27.18 -23.42 -2.51
CA MET D 134 27.75 -22.24 -3.17
C MET D 134 28.04 -21.10 -2.23
N SER D 135 27.12 -20.87 -1.28
CA SER D 135 27.15 -19.68 -0.45
C SER D 135 26.52 -19.96 0.91
N PHE D 136 26.87 -19.14 1.90
CA PHE D 136 26.40 -19.28 3.28
C PHE D 136 25.47 -18.17 3.66
N TYR D 137 24.41 -18.54 4.36
CA TYR D 137 23.44 -17.54 4.80
C TYR D 137 23.62 -17.33 6.30
N ASN D 138 24.54 -16.45 6.64
CA ASN D 138 24.75 -16.05 8.01
C ASN D 138 24.08 -14.69 8.22
N GLY D 139 23.72 -14.43 9.48
CA GLY D 139 23.15 -13.17 9.92
C GLY D 139 22.89 -13.21 11.40
N VAL D 140 22.26 -12.15 11.91
CA VAL D 140 21.92 -12.05 13.34
C VAL D 140 20.79 -13.04 13.64
N ARG D 141 20.71 -13.49 14.89
CA ARG D 141 19.73 -14.47 15.33
C ARG D 141 18.63 -13.78 16.10
N ILE D 142 17.45 -13.69 15.52
CA ILE D 142 16.29 -13.03 16.14
C ILE D 142 15.12 -14.01 16.15
N THR D 143 14.03 -13.65 16.83
CA THR D 143 12.87 -14.52 16.95
C THR D 143 11.88 -14.31 15.81
N HIS D 144 11.05 -15.33 15.56
CA HIS D 144 9.95 -15.31 14.60
C HIS D 144 8.91 -14.23 14.95
N GLN D 145 8.64 -14.04 16.27
CA GLN D 145 7.69 -13.07 16.82
C GLN D 145 8.12 -11.62 16.52
N GLU D 146 9.42 -11.33 16.65
CA GLU D 146 10.01 -10.01 16.36
C GLU D 146 9.84 -9.67 14.85
N VAL D 147 10.00 -10.69 13.99
CA VAL D 147 9.85 -10.56 12.54
C VAL D 147 8.39 -10.26 12.21
N ASP D 148 7.47 -11.07 12.76
CA ASP D 148 6.02 -10.93 12.55
C ASP D 148 5.44 -9.60 13.05
N SER D 149 6.15 -8.90 13.97
CA SER D 149 5.67 -7.61 14.53
C SER D 149 6.09 -6.36 13.74
N ARG D 150 6.94 -6.50 12.71
CA ARG D 150 7.38 -5.34 11.94
C ARG D 150 6.97 -5.44 10.46
N ASP D 151 7.10 -4.32 9.69
CA ASP D 151 6.72 -4.20 8.28
C ASP D 151 7.62 -4.97 7.31
N TRP D 152 7.07 -5.33 6.13
CA TRP D 152 7.81 -6.02 5.06
C TRP D 152 9.11 -5.25 4.71
N ALA D 153 9.11 -3.91 4.86
CA ALA D 153 10.27 -3.03 4.61
C ALA D 153 11.56 -3.49 5.33
N LEU D 154 11.41 -4.05 6.53
CA LEU D 154 12.51 -4.54 7.37
C LEU D 154 12.75 -6.06 7.28
N ASN D 155 11.87 -6.78 6.57
CA ASN D 155 11.91 -8.25 6.50
C ASN D 155 12.34 -8.82 5.15
N GLY D 156 13.15 -8.06 4.40
CA GLY D 156 13.67 -8.48 3.10
C GLY D 156 14.73 -9.57 3.19
N ASN D 157 15.47 -9.62 4.32
CA ASN D 157 16.59 -10.55 4.57
C ASN D 157 16.38 -11.55 5.74
N THR D 158 15.17 -11.65 6.25
CA THR D 158 14.86 -12.57 7.35
C THR D 158 14.58 -14.00 6.86
N LEU D 159 15.54 -14.89 7.04
CA LEU D 159 15.42 -16.29 6.65
C LEU D 159 15.18 -17.18 7.86
N SER D 160 14.08 -17.95 7.84
CA SER D 160 13.78 -18.87 8.93
C SER D 160 14.92 -19.93 9.01
N LEU D 161 15.46 -20.15 10.23
CA LEU D 161 16.51 -21.15 10.45
C LEU D 161 15.84 -22.42 10.98
N ASP D 162 14.94 -22.25 11.97
CA ASP D 162 14.14 -23.31 12.60
C ASP D 162 12.82 -22.69 13.11
N GLU D 163 12.08 -23.40 13.99
CA GLU D 163 10.81 -22.91 14.52
C GLU D 163 10.97 -21.78 15.54
N GLU D 164 12.18 -21.59 16.08
CA GLU D 164 12.45 -20.59 17.11
C GLU D 164 13.38 -19.46 16.67
N THR D 165 14.16 -19.68 15.59
CA THR D 165 15.16 -18.70 15.17
C THR D 165 15.02 -18.27 13.71
N VAL D 166 15.21 -16.96 13.49
CA VAL D 166 15.26 -16.34 12.18
C VAL D 166 16.67 -15.73 12.03
N ILE D 167 17.28 -15.91 10.85
CA ILE D 167 18.57 -15.30 10.53
C ILE D 167 18.29 -14.02 9.72
N ASP D 168 18.88 -12.89 10.15
CA ASP D 168 18.66 -11.64 9.44
C ASP D 168 19.96 -10.92 9.05
N VAL D 169 19.92 -10.18 7.96
CA VAL D 169 21.03 -9.32 7.51
C VAL D 169 20.42 -7.90 7.43
N PRO D 170 20.27 -7.23 8.59
CA PRO D 170 19.60 -5.93 8.60
C PRO D 170 20.54 -4.82 8.14
N GLU D 171 20.00 -3.60 7.88
CA GLU D 171 20.81 -2.44 7.52
C GLU D 171 21.79 -2.12 8.65
N PRO D 172 23.05 -1.75 8.37
CA PRO D 172 23.66 -1.52 7.03
C PRO D 172 24.38 -2.74 6.48
N TYR D 173 24.25 -3.90 7.15
CA TYR D 173 24.92 -5.16 6.82
C TYR D 173 24.52 -5.76 5.46
N ASN D 174 23.43 -5.26 4.83
CA ASN D 174 22.98 -5.72 3.51
C ASN D 174 23.85 -5.18 2.38
N HIS D 175 24.80 -4.26 2.69
CA HIS D 175 25.72 -3.72 1.69
C HIS D 175 27.05 -4.43 1.88
N VAL D 176 27.69 -4.88 0.78
CA VAL D 176 28.97 -5.61 0.79
C VAL D 176 30.15 -4.80 1.34
N SER D 177 30.05 -3.46 1.31
CA SER D 177 31.11 -2.58 1.82
C SER D 177 31.10 -2.59 3.36
N LYS D 178 29.99 -3.08 3.96
CA LYS D 178 29.84 -3.20 5.40
C LYS D 178 29.98 -4.66 5.86
N TYR D 179 29.42 -5.60 5.12
CA TYR D 179 29.47 -7.01 5.49
C TYR D 179 29.59 -7.91 4.24
N CYS D 180 30.65 -8.75 4.22
CA CYS D 180 30.92 -9.69 3.14
C CYS D 180 31.44 -11.03 3.67
N ALA D 181 31.30 -11.29 4.99
CA ALA D 181 31.74 -12.55 5.61
C ALA D 181 31.01 -13.75 4.98
N SER D 182 29.73 -13.55 4.60
CA SER D 182 28.87 -14.53 3.93
C SER D 182 28.03 -13.74 2.92
N LEU D 183 27.50 -14.40 1.87
CA LEU D 183 26.82 -13.67 0.80
C LEU D 183 25.46 -14.24 0.38
N GLY D 184 24.93 -15.17 1.16
CA GLY D 184 23.68 -15.87 0.91
C GLY D 184 22.48 -14.98 0.74
N HIS D 185 22.48 -13.82 1.42
CA HIS D 185 21.43 -12.79 1.43
C HIS D 185 21.37 -11.99 0.12
N LYS D 186 22.32 -12.24 -0.79
CA LYS D 186 22.37 -11.56 -2.09
C LYS D 186 21.66 -12.33 -3.17
N ALA D 187 21.26 -13.61 -2.87
CA ALA D 187 20.54 -14.41 -3.87
C ALA D 187 19.08 -13.99 -3.98
N ASN D 188 18.65 -13.70 -5.22
CA ASN D 188 17.29 -13.22 -5.47
C ASN D 188 16.33 -14.34 -5.63
N HIS D 189 15.04 -13.98 -5.71
CA HIS D 189 13.93 -14.91 -5.85
C HIS D 189 13.68 -15.26 -7.31
N SER D 190 13.24 -16.49 -7.55
CA SER D 190 12.70 -16.88 -8.84
C SER D 190 11.67 -17.94 -8.64
N PHE D 191 10.65 -18.01 -9.54
CA PHE D 191 9.64 -19.08 -9.52
C PHE D 191 10.19 -20.32 -10.26
N THR D 192 11.34 -20.15 -10.96
CA THR D 192 12.08 -21.21 -11.68
C THR D 192 13.53 -21.13 -11.14
N PRO D 193 13.74 -21.45 -9.84
CA PRO D 193 15.08 -21.29 -9.26
C PRO D 193 16.09 -22.32 -9.73
N ASN D 194 17.38 -22.03 -9.52
CA ASN D 194 18.42 -23.04 -9.80
C ASN D 194 19.07 -23.46 -8.50
N CYS D 195 18.62 -22.91 -7.35
CA CYS D 195 19.16 -23.22 -6.01
C CYS D 195 18.04 -23.39 -4.99
N ILE D 196 18.41 -23.91 -3.82
CA ILE D 196 17.55 -24.01 -2.63
C ILE D 196 18.35 -23.58 -1.41
N TYR D 197 17.64 -23.25 -0.32
CA TYR D 197 18.26 -23.05 0.99
C TYR D 197 18.32 -24.43 1.65
N ASP D 198 19.44 -24.72 2.24
CA ASP D 198 19.68 -26.01 2.85
C ASP D 198 20.39 -25.83 4.18
N MET D 199 20.26 -26.78 5.11
CA MET D 199 20.92 -26.68 6.43
C MET D 199 22.44 -26.76 6.27
N PHE D 200 23.21 -26.06 7.11
CA PHE D 200 24.67 -26.10 7.01
C PHE D 200 25.33 -25.86 8.37
N VAL D 201 26.35 -26.66 8.70
CA VAL D 201 27.11 -26.53 9.96
C VAL D 201 28.45 -25.92 9.56
N HIS D 202 28.63 -24.63 9.86
CA HIS D 202 29.83 -23.92 9.47
C HIS D 202 30.80 -23.80 10.69
N PRO D 203 32.14 -23.96 10.49
CA PRO D 203 33.07 -23.85 11.62
C PRO D 203 33.14 -22.46 12.24
N ARG D 204 32.88 -21.43 11.43
CA ARG D 204 32.89 -20.03 11.85
C ARG D 204 31.49 -19.55 12.27
N PHE D 205 30.48 -19.69 11.40
CA PHE D 205 29.12 -19.18 11.69
C PHE D 205 28.23 -20.10 12.54
N GLY D 206 28.65 -21.35 12.74
CA GLY D 206 27.87 -22.35 13.45
C GLY D 206 26.72 -22.91 12.62
N PRO D 207 25.60 -23.32 13.26
CA PRO D 207 24.46 -23.82 12.48
C PRO D 207 23.72 -22.68 11.75
N ILE D 208 23.68 -22.77 10.42
CA ILE D 208 23.05 -21.73 9.59
C ILE D 208 22.39 -22.45 8.41
N LYS D 209 22.12 -21.70 7.35
CA LYS D 209 21.65 -22.28 6.11
C LYS D 209 22.65 -21.94 5.05
N CYS D 210 22.59 -22.64 3.93
CA CYS D 210 23.48 -22.41 2.80
C CYS D 210 22.60 -22.32 1.55
N ILE D 211 23.20 -21.96 0.42
CA ILE D 211 22.55 -21.98 -0.90
C ILE D 211 23.24 -23.14 -1.61
N ARG D 212 22.44 -24.10 -2.13
CA ARG D 212 22.91 -25.29 -2.79
C ARG D 212 22.23 -25.38 -4.14
N THR D 213 22.99 -25.62 -5.22
CA THR D 213 22.39 -25.73 -6.57
C THR D 213 21.40 -26.90 -6.66
N LEU D 214 20.33 -26.74 -7.44
CA LEU D 214 19.35 -27.78 -7.69
C LEU D 214 19.69 -28.53 -8.98
N ARG D 215 20.50 -27.92 -9.83
CA ARG D 215 20.89 -28.50 -11.15
C ARG D 215 22.31 -28.05 -11.44
N ALA D 216 22.91 -28.48 -12.57
CA ALA D 216 24.22 -27.99 -12.97
C ALA D 216 24.06 -26.51 -13.33
N VAL D 217 25.00 -25.67 -12.88
CA VAL D 217 24.94 -24.24 -13.12
C VAL D 217 26.21 -23.84 -13.83
N GLU D 218 26.08 -23.09 -14.93
CA GLU D 218 27.23 -22.61 -15.69
C GLU D 218 27.77 -21.34 -15.05
N ALA D 219 29.04 -20.99 -15.31
CA ALA D 219 29.67 -19.77 -14.82
C ALA D 219 28.88 -18.54 -15.29
N ASP D 220 28.81 -17.51 -14.40
CA ASP D 220 28.17 -16.22 -14.66
C ASP D 220 26.64 -16.25 -14.75
N GLU D 221 26.03 -17.39 -14.38
CA GLU D 221 24.57 -17.52 -14.25
C GLU D 221 24.20 -16.86 -12.92
N GLU D 222 23.02 -16.23 -12.84
CA GLU D 222 22.60 -15.68 -11.57
C GLU D 222 22.09 -16.85 -10.73
N LEU D 223 22.33 -16.82 -9.42
CA LEU D 223 21.81 -17.84 -8.53
C LEU D 223 20.54 -17.33 -7.89
N THR D 224 19.48 -18.14 -7.95
CA THR D 224 18.15 -17.78 -7.47
C THR D 224 17.54 -18.91 -6.68
N VAL D 225 16.68 -18.56 -5.72
CA VAL D 225 15.97 -19.53 -4.87
C VAL D 225 14.49 -19.11 -4.91
N ALA D 226 13.57 -20.06 -4.71
CA ALA D 226 12.16 -19.72 -4.61
C ALA D 226 11.91 -19.36 -3.14
N TYR D 227 11.63 -18.08 -2.86
CA TYR D 227 11.37 -17.58 -1.51
C TYR D 227 10.09 -18.23 -0.93
N GLY D 228 10.07 -18.39 0.39
CA GLY D 228 8.95 -18.98 1.09
C GLY D 228 8.00 -17.97 1.68
N TYR D 229 6.85 -17.78 1.00
CA TYR D 229 5.72 -16.94 1.42
C TYR D 229 4.44 -17.76 1.35
N ASP D 230 3.57 -17.62 2.33
CA ASP D 230 2.27 -18.31 2.34
C ASP D 230 1.36 -17.60 1.33
N HIS D 231 0.94 -18.34 0.28
CA HIS D 231 0.10 -17.81 -0.80
C HIS D 231 -1.36 -17.72 -0.38
N SER D 232 -1.84 -18.67 0.45
CA SER D 232 -3.23 -18.65 0.92
C SER D 232 -3.33 -18.66 2.48
N PRO D 233 -3.06 -17.52 3.16
CA PRO D 233 -3.18 -17.50 4.64
C PRO D 233 -4.62 -17.61 5.13
N GLY D 238 -5.47 -13.19 -0.48
CA GLY D 238 -4.21 -12.70 -1.03
C GLY D 238 -2.97 -13.23 -0.34
N PRO D 239 -1.84 -13.43 -1.07
CA PRO D 239 -0.62 -13.94 -0.41
C PRO D 239 -0.03 -12.97 0.60
N GLU D 240 0.48 -13.51 1.73
CA GLU D 240 1.13 -12.70 2.76
C GLU D 240 2.58 -12.58 2.27
N ALA D 241 2.81 -11.55 1.46
CA ALA D 241 4.08 -11.32 0.79
C ALA D 241 4.24 -9.84 0.43
N PRO D 242 5.50 -9.36 0.27
CA PRO D 242 5.69 -7.97 -0.16
C PRO D 242 5.15 -7.71 -1.57
N GLU D 243 4.96 -6.45 -1.91
CA GLU D 243 4.47 -5.99 -3.21
C GLU D 243 5.28 -6.48 -4.41
N TRP D 244 6.63 -6.38 -4.38
CA TRP D 244 7.45 -6.83 -5.52
C TRP D 244 7.19 -8.32 -5.86
N TYR D 245 6.97 -9.16 -4.83
CA TYR D 245 6.74 -10.60 -4.99
C TYR D 245 5.38 -10.86 -5.65
N GLN D 246 4.33 -10.13 -5.18
N GLN D 246 4.34 -10.12 -5.20
CA GLN D 246 2.96 -10.19 -5.74
CA GLN D 246 2.98 -10.20 -5.76
C GLN D 246 3.01 -9.76 -7.22
C GLN D 246 3.02 -9.76 -7.23
N VAL D 247 3.80 -8.72 -7.55
CA VAL D 247 3.96 -8.22 -8.94
C VAL D 247 4.65 -9.33 -9.82
N GLU D 248 5.77 -9.90 -9.34
CA GLU D 248 6.48 -10.97 -10.04
C GLU D 248 5.61 -12.26 -10.15
N LEU D 249 4.77 -12.56 -9.12
CA LEU D 249 3.87 -13.73 -9.20
C LEU D 249 2.89 -13.56 -10.34
N LYS D 250 2.26 -12.37 -10.46
CA LYS D 250 1.34 -12.06 -11.53
C LYS D 250 2.06 -12.22 -12.90
N ALA D 251 3.26 -11.62 -13.03
CA ALA D 251 4.02 -11.66 -14.30
C ALA D 251 4.36 -13.12 -14.66
N PHE D 252 4.78 -13.91 -13.66
CA PHE D 252 5.09 -15.33 -13.83
C PHE D 252 3.87 -16.12 -14.31
N GLN D 253 2.72 -15.94 -13.62
CA GLN D 253 1.47 -16.63 -13.99
C GLN D 253 1.04 -16.27 -15.41
N ALA D 254 1.27 -15.00 -15.83
CA ALA D 254 0.92 -14.54 -17.19
C ALA D 254 1.66 -15.30 -18.31
N THR D 255 2.89 -15.79 -18.06
CA THR D 255 3.70 -16.50 -19.06
C THR D 255 3.48 -18.01 -19.14
N GLN D 256 2.77 -18.60 -18.17
CA GLN D 256 2.56 -20.06 -18.19
C GLN D 256 1.56 -20.48 -19.24
N GLN D 257 2.03 -21.28 -20.22
CA GLN D 257 1.19 -21.80 -21.29
C GLN D 257 0.28 -22.87 -20.68
N LYS D 258 -0.98 -22.95 -21.14
CA LYS D 258 -1.95 -23.90 -20.61
C LYS D 258 -2.46 -24.84 -21.69
N HIS D 259 -2.96 -26.04 -21.30
CA HIS D 259 -3.63 -26.93 -22.25
C HIS D 259 -4.97 -26.26 -22.56
N HIS D 260 -5.35 -26.18 -23.85
CA HIS D 260 -6.62 -25.58 -24.27
C HIS D 260 -7.63 -26.65 -24.60
N HIS D 261 -8.76 -26.63 -23.88
CA HIS D 261 -9.90 -27.54 -24.07
C HIS D 261 -10.71 -27.05 -25.29
N SAM E . -21.34 3.55 -2.80
CA SAM E . -20.18 2.73 -3.05
C SAM E . -18.92 3.42 -2.56
O SAM E . -17.76 2.99 -2.85
OXT SAM E . -19.04 4.41 -1.85
CB SAM E . -20.13 2.65 -4.62
CG SAM E . -21.00 1.49 -5.27
SD SAM E . -20.36 -0.11 -4.61
CE SAM E . -20.40 -1.06 -6.22
C5' SAM E . -21.78 -0.94 -3.87
C4' SAM E . -22.09 -0.41 -2.49
O4' SAM E . -22.75 0.90 -2.57
C3' SAM E . -23.18 -1.28 -1.80
O3' SAM E . -22.55 -2.34 -1.06
C2' SAM E . -23.87 -0.30 -0.83
O2' SAM E . -22.99 -0.10 0.27
C1' SAM E . -23.82 1.02 -1.64
N9 SAM E . -25.02 1.29 -2.45
C8 SAM E . -25.19 1.13 -3.83
N7 SAM E . -26.40 1.52 -4.20
C5 SAM E . -27.08 1.94 -3.09
C6 SAM E . -28.37 2.45 -2.87
N6 SAM E . -29.26 2.63 -3.99
N1 SAM E . -28.72 2.75 -1.54
C2 SAM E . -27.88 2.54 -0.53
N3 SAM E . -26.63 2.10 -0.69
C4 SAM E . -26.22 1.79 -1.95
C9 0N6 F . -24.16 -12.71 -9.40
C5 0N6 F . -23.66 -13.81 -8.68
C3 0N6 F . -24.40 -15.16 -8.77
C2 0N6 F . -23.97 -16.05 -7.60
N1 0N6 F . -22.49 -16.10 -7.53
C1 0N6 F . -21.92 -14.81 -7.07
C4 0N6 F . -22.52 -13.66 -7.88
C6 0N6 F . -21.90 -12.41 -7.79
C7 0N6 F . -22.36 -11.34 -8.54
C8 0N6 F . -23.53 -11.46 -9.29
S1 0N6 F . -24.13 -10.04 -10.16
O1 0N6 F . -22.97 -9.32 -10.78
O3 0N6 F . -25.11 -10.50 -11.22
N2 0N6 F . -24.95 -8.99 -9.13
C10 0N6 F . -24.19 -8.07 -8.29
C12 0N6 F . -24.26 -6.64 -8.87
O2 0N6 F . -25.12 -6.36 -9.72
N3 0N6 F . -23.37 -5.72 -8.51
C13 0N6 F . -23.34 -4.33 -9.02
C14 0N6 F . -22.12 -3.65 -8.36
C15 0N6 F . -21.36 -4.78 -7.64
C16 0N6 F . -22.32 -5.95 -7.50
C11 0N6 F . -24.85 -8.07 -6.90
C17 0N6 F . -24.46 -9.37 -6.17
C22 0N6 F . -25.18 -10.53 -6.38
C18 0N6 F . -23.32 -9.40 -5.34
C19 0N6 F . -22.94 -10.59 -4.72
C20 0N6 F . -23.71 -11.74 -4.89
C21 0N6 F . -24.83 -11.70 -5.72
C23 0N6 F . -25.61 -12.89 -5.91
N4 0N6 F . -26.24 -13.83 -6.07
C1 BME G . 0.18 -5.74 -5.39
C2 BME G . -0.46 -6.94 -6.09
O1 BME G . 0.51 -4.76 -6.35
S2 BME G . 0.19 -7.24 -7.76
S SO4 H . -13.19 2.45 -40.13
O1 SO4 H . -13.55 2.62 -41.55
O2 SO4 H . -14.37 2.76 -39.30
O3 SO4 H . -12.76 1.07 -39.90
O4 SO4 H . -12.08 3.35 -39.78
N SAM I . -21.49 5.21 8.78
CA SAM I . -21.80 3.91 9.47
C SAM I . -23.10 3.37 8.93
O SAM I . -23.55 2.39 9.47
OXT SAM I . -23.72 3.86 7.98
CB SAM I . -21.92 4.13 11.03
CG SAM I . -20.53 4.22 11.71
SD SAM I . -19.82 2.47 11.68
CE SAM I . -19.20 2.25 13.35
C5' SAM I . -18.14 2.59 11.00
C4' SAM I . -18.16 2.90 9.53
O4' SAM I . -18.70 4.20 9.23
C3' SAM I . -16.69 2.87 9.02
O3' SAM I . -16.33 1.59 8.48
C2' SAM I . -16.80 3.85 7.83
O2' SAM I . -17.35 3.12 6.74
C1' SAM I . -17.88 4.86 8.24
N9 SAM I . -17.26 6.09 8.77
C8 SAM I . -17.25 6.45 10.08
N7 SAM I . -16.73 7.61 10.19
C5 SAM I . -16.40 8.12 8.97
C6 SAM I . -15.74 9.32 8.50
N6 SAM I . -15.35 10.39 9.37
N1 SAM I . -15.52 9.39 7.16
C2 SAM I . -15.87 8.41 6.27
N3 SAM I . -16.47 7.29 6.67
C4 SAM I . -16.74 7.11 8.01
C9 0N6 J . -8.90 -2.19 19.15
C5 0N6 J . -8.43 -3.45 18.78
C3 0N6 J . -7.01 -3.88 19.20
C2 0N6 J . -6.55 -5.07 18.33
N1 0N6 J . -7.59 -6.12 18.31
C1 0N6 J . -8.81 -5.70 17.58
C4 0N6 J . -9.27 -4.32 18.09
C6 0N6 J . -10.56 -3.92 17.75
C7 0N6 J . -11.03 -2.66 18.11
C8 0N6 J . -10.19 -1.81 18.82
S1 0N6 J . -10.81 -0.21 19.26
O1 0N6 J . -12.19 -0.42 19.77
O3 0N6 J . -9.89 0.31 20.30
N2 0N6 J . -10.78 0.83 17.96
C10 0N6 J . -11.88 0.70 16.98
C12 0N6 J . -12.90 1.84 17.13
O2 0N6 J . -12.66 2.83 17.84
N3 0N6 J . -14.10 1.72 16.56
C13 0N6 J . -15.21 2.70 16.66
C14 0N6 J . -16.30 2.10 15.74
C15 0N6 J . -16.02 0.62 15.77
C16 0N6 J . -14.50 0.57 15.74
C11 0N6 J . -11.27 0.73 15.57
C17 0N6 J . -10.60 -0.58 15.22
C22 0N6 J . -9.26 -0.76 15.57
C18 0N6 J . -11.29 -1.57 14.52
C19 0N6 J . -10.64 -2.75 14.18
C20 0N6 J . -9.31 -2.95 14.55
C21 0N6 J . -8.62 -1.96 15.24
C23 0N6 J . -7.26 -2.16 15.62
N4 0N6 J . -6.17 -2.33 15.93
N SAM K . 23.87 5.35 -10.66
CA SAM K . 22.70 5.67 -9.81
C SAM K . 21.57 4.65 -10.00
O SAM K . 20.45 4.80 -9.47
OXT SAM K . 21.83 3.65 -10.66
CB SAM K . 22.21 7.12 -10.12
CG SAM K . 23.08 8.12 -9.34
SD SAM K . 22.78 7.99 -7.50
CE SAM K . 22.56 9.79 -7.04
C5' SAM K . 24.46 7.92 -6.82
C4' SAM K . 25.11 6.58 -6.94
O4' SAM K . 25.46 6.29 -8.33
C3' SAM K . 26.44 6.58 -6.17
O3' SAM K . 26.25 6.17 -4.80
C2' SAM K . 27.27 5.53 -6.89
O2' SAM K . 26.83 4.20 -6.53
C1' SAM K . 26.84 5.83 -8.37
N9 SAM K . 27.67 6.73 -9.12
C8 SAM K . 27.43 8.00 -9.46
N7 SAM K . 28.36 8.44 -10.18
C5 SAM K . 29.29 7.46 -10.41
C6 SAM K . 30.52 7.38 -11.13
N6 SAM K . 31.04 8.49 -11.81
N1 SAM K . 31.17 6.18 -11.07
C2 SAM K . 30.72 5.11 -10.35
N3 SAM K . 29.55 5.20 -9.71
C4 SAM K . 28.87 6.34 -9.69
C9 0N6 L . 26.43 17.34 2.13
C5 0N6 L . 26.26 16.98 3.47
C3 0N6 L . 27.07 17.70 4.56
C2 0N6 L . 27.10 16.88 5.87
N1 0N6 L . 25.74 16.41 6.21
C1 0N6 L . 25.14 15.48 5.24
C4 0N6 L . 25.36 15.96 3.80
C6 0N6 L . 24.60 15.34 2.80
C7 0N6 L . 24.79 15.69 1.47
C8 0N6 L . 25.69 16.70 1.13
S1 0N6 L . 25.86 17.17 -0.54
O1 0N6 L . 24.50 17.17 -1.21
O3 0N6 L . 26.52 18.50 -0.61
N2 0N6 L . 26.86 16.09 -1.33
C10 0N6 L . 26.23 14.82 -1.77
C12 0N6 L . 25.99 14.87 -3.27
O2 0N6 L . 26.56 15.73 -3.95
N3 0N6 L . 25.19 13.96 -3.85
C13 0N6 L . 24.89 13.95 -5.30
C14 0N6 L . 23.72 12.96 -5.45
C15 0N6 L . 23.21 12.69 -4.03
C16 0N6 L . 24.46 12.88 -3.15
C11 0N6 L . 27.22 13.67 -1.50
C17 0N6 L . 27.21 13.38 -0.01
C22 0N6 L . 28.03 14.11 0.84
C18 0N6 L . 26.36 12.39 0.51
C19 0N6 L . 26.37 12.10 1.88
C20 0N6 L . 27.22 12.83 2.73
C21 0N6 L . 28.03 13.84 2.20
C23 0N6 L . 28.89 14.60 3.07
N4 0N6 L . 29.57 15.21 3.74
N SAM M . 18.50 -7.92 -4.17
CA SAM M . 18.97 -8.02 -2.76
C SAM M . 20.11 -7.04 -2.49
O SAM M . 20.68 -7.04 -1.37
OXT SAM M . 20.49 -6.26 -3.39
CB SAM M . 19.49 -9.47 -2.51
CG SAM M . 18.33 -10.44 -2.18
SD SAM M . 17.63 -9.97 -0.54
CE SAM M . 17.59 -11.68 0.21
C5' SAM M . 15.84 -9.78 -0.82
C4' SAM M . 15.49 -8.45 -1.45
O4' SAM M . 15.88 -8.44 -2.86
C3' SAM M . 13.94 -8.34 -1.55
O3' SAM M . 13.39 -7.85 -0.34
C2' SAM M . 13.74 -7.34 -2.75
O2' SAM M . 14.23 -6.02 -2.45
C1' SAM M . 14.80 -7.99 -3.69
N9 SAM M . 14.37 -9.09 -4.57
C8 SAM M . 14.69 -10.42 -4.47
N7 SAM M . 14.22 -11.08 -5.44
C5 SAM M . 13.59 -10.24 -6.30
C6 SAM M . 12.87 -10.36 -7.52
N6 SAM M . 12.70 -11.56 -8.15
N1 SAM M . 12.31 -9.20 -8.06
C2 SAM M . 12.45 -7.99 -7.50
N3 SAM M . 13.11 -7.85 -6.35
C4 SAM M . 13.69 -8.91 -5.74
C9 0N6 N . 9.15 -17.65 7.38
C5 0N6 N . 8.66 -17.00 8.52
C3 0N6 N . 7.34 -17.49 9.14
C2 0N6 N . 6.75 -16.40 10.05
N1 0N6 N . 7.77 -15.92 11.00
C1 0N6 N . 8.83 -15.14 10.31
C4 0N6 N . 9.34 -15.93 9.08
C6 0N6 N . 10.51 -15.48 8.47
C7 0N6 N . 11.02 -16.13 7.34
C8 0N6 N . 10.33 -17.21 6.79
S1 0N6 N . 10.96 -17.95 5.33
O1 0N6 N . 12.46 -17.97 5.44
O3 0N6 N . 10.42 -19.34 5.20
N2 0N6 N . 10.56 -17.10 3.98
C10 0N6 N . 11.38 -15.90 3.68
C12 0N6 N . 12.38 -16.22 2.57
O2 0N6 N . 12.29 -17.25 1.88
N3 0N6 N . 13.41 -15.40 2.36
C13 0N6 N . 14.44 -15.63 1.32
C14 0N6 N . 15.44 -14.48 1.54
C15 0N6 N . 15.13 -13.90 2.92
C16 0N6 N . 13.63 -14.12 3.07
C11 0N6 N . 10.46 -14.74 3.24
C17 0N6 N . 9.77 -14.13 4.47
C22 0N6 N . 8.58 -14.70 4.90
C18 0N6 N . 10.32 -13.06 5.15
C19 0N6 N . 9.67 -12.54 6.28
C20 0N6 N . 8.48 -13.12 6.73
C21 0N6 N . 7.93 -14.19 6.02
C23 0N6 N . 6.72 -14.82 6.45
N4 0N6 N . 5.76 -15.34 6.78
#